data_4OP1
#
_entry.id   4OP1
#
_cell.length_a   149.180
_cell.length_b   149.180
_cell.length_c   132.105
_cell.angle_alpha   90.00
_cell.angle_beta   90.00
_cell.angle_gamma   120.00
#
_symmetry.space_group_name_H-M   'P 65'
#
loop_
_entity.id
_entity.type
_entity.pdbx_description
1 polymer 'Glucokinase Regulatory Protein'
2 non-polymer (2S)-2-(6-{5-[(6-aminopyridin-3-yl)sulfonyl]thiophen-2-yl}-5-chloropyridin-3-yl)-1,1,1-trifluoropropan-2-ol
3 non-polymer D-SORBITOL-6-PHOSPHATE
4 non-polymer 'IODIDE ION'
5 non-polymer GLYCEROL
6 non-polymer 'SULFATE ION'
7 water water
#
_entity_poly.entity_id   1
_entity_poly.type   'polypeptide(L)'
_entity_poly.pdbx_seq_one_letter_code
;MAHHHHHHDEVDMPGTKRFQHVIETPEPGKWELSGYEAAVPITEKSNPLTQDLDKADAENIVRLLGQCDAEIFQEEGQAL
STYQRLYSESILTTMVQVAGKVQEVLKEPDGGLVVLSGGGTSGRMAFLMSVSFNQLMKGLGQKPLYTYLIAGGDRSVVAS
REGTEDSALHGIEELKKVAAGKKRVIVIGISVGLSAPFVAGQMDCCMNNTAVFLPVLVGFNPVSMARNDPIEDWSSTFRQ
VAERMQKMQEKQKAFVLNPAIGPEGLSGSSRMKGGSATKILLETLLLAAHKTVDQGIAASQRCLLEILRTFERAHQVTYS
QSPKIATLMKSVSTSLEKKGHVYLVGWQTLGIIAIMDGVECIHTFGADFRDVRGFLIGDHSDMFNQKAELTNQGPQFTFS
QEDFLTSILPSLTEIDTVVFIFTLDDNLTEVQTIVEQVKEKTNHIQALAHSTVGQTLPIPLKKLFPSIISITWPLLFFEY
EGNFIQKFQRELSTKWVLNTVSTGAHVLLGKILQNHMLDLRISNSKLFWRALAMLQRFSGQSKARCIESLLRAIHFPQPL
SDDIRAAPISCHVQVAHEKEQVIPIALLSLLFRCSITEAQAHLAAAPSVCEAVRSALAGPGQKRTADPLEILEPDVQG
;
_entity_poly.pdbx_strand_id   A,B
#
loop_
_chem_comp.id
_chem_comp.type
_chem_comp.name
_chem_comp.formula
2UW non-polymer (2S)-2-(6-{5-[(6-aminopyridin-3-yl)sulfonyl]thiophen-2-yl}-5-chloropyridin-3-yl)-1,1,1-trifluoropropan-2-ol 'C17 H13 Cl F3 N3 O3 S2'
GOL non-polymer GLYCEROL 'C3 H8 O3'
IOD non-polymer 'IODIDE ION' 'I -1'
S6P D-saccharide D-SORBITOL-6-PHOSPHATE 'C6 H15 O9 P'
SO4 non-polymer 'SULFATE ION' 'O4 S -2'
#
# COMPACT_ATOMS: atom_id res chain seq x y z
N MET A 13 3.20 -15.74 -17.00
CA MET A 13 2.41 -17.02 -17.00
C MET A 13 1.65 -17.14 -15.68
N PRO A 14 0.77 -18.15 -15.56
CA PRO A 14 0.14 -18.42 -14.26
C PRO A 14 1.13 -18.72 -13.14
N GLY A 15 1.03 -17.93 -12.09
CA GLY A 15 1.93 -17.98 -10.96
C GLY A 15 2.99 -16.89 -10.91
N THR A 16 3.21 -16.19 -12.01
CA THR A 16 4.36 -15.34 -12.08
C THR A 16 4.31 -14.28 -10.98
N LYS A 17 3.26 -13.48 -10.97
CA LYS A 17 3.16 -12.40 -9.99
C LYS A 17 3.15 -12.86 -8.52
N ARG A 18 2.65 -14.06 -8.23
CA ARG A 18 2.60 -14.53 -6.83
C ARG A 18 3.98 -14.84 -6.29
N PHE A 19 4.90 -15.23 -7.19
CA PHE A 19 6.22 -15.71 -6.84
C PHE A 19 7.28 -14.74 -7.25
N GLN A 20 6.88 -13.53 -7.63
CA GLN A 20 7.78 -12.50 -8.24
C GLN A 20 8.92 -12.10 -7.34
N HIS A 21 8.61 -11.87 -6.08
CA HIS A 21 9.62 -11.44 -5.11
C HIS A 21 10.70 -12.49 -4.82
N VAL A 22 10.47 -13.75 -5.17
CA VAL A 22 11.43 -14.81 -4.91
C VAL A 22 12.60 -14.73 -5.88
N ILE A 23 13.81 -14.84 -5.38
CA ILE A 23 15.01 -14.76 -6.21
C ILE A 23 15.47 -16.15 -6.68
N GLU A 24 16.01 -16.26 -7.90
CA GLU A 24 16.54 -17.52 -8.39
C GLU A 24 17.64 -18.07 -7.51
N THR A 25 17.65 -19.39 -7.47
CA THR A 25 18.64 -20.15 -6.77
C THR A 25 19.99 -19.78 -7.37
N PRO A 26 20.97 -19.51 -6.53
CA PRO A 26 22.29 -19.33 -7.14
C PRO A 26 22.88 -20.63 -7.74
N GLU A 27 23.92 -20.48 -8.56
CA GLU A 27 24.62 -21.62 -9.14
C GLU A 27 25.43 -22.38 -8.07
N PRO A 28 25.78 -23.65 -8.35
CA PRO A 28 26.56 -24.29 -7.31
C PRO A 28 27.80 -23.45 -7.03
N GLY A 29 28.16 -23.31 -5.76
CA GLY A 29 29.38 -22.61 -5.38
C GLY A 29 29.34 -21.10 -5.46
N LYS A 30 28.30 -20.50 -6.04
CA LYS A 30 28.24 -19.04 -6.11
C LYS A 30 27.18 -18.40 -5.16
N TRP A 31 26.76 -19.14 -4.13
CA TRP A 31 25.79 -18.66 -3.13
C TRP A 31 26.28 -17.42 -2.38
N GLU A 32 27.54 -17.47 -1.97
CA GLU A 32 28.17 -16.47 -1.10
C GLU A 32 27.88 -15.00 -1.42
N LEU A 33 28.46 -14.51 -2.49
CA LEU A 33 28.35 -13.09 -2.78
C LEU A 33 27.04 -12.83 -3.53
N SER A 34 26.22 -13.87 -3.71
CA SER A 34 25.04 -13.81 -4.59
C SER A 34 24.00 -12.79 -4.15
N GLY A 35 23.39 -12.17 -5.16
CA GLY A 35 22.26 -11.29 -4.91
C GLY A 35 21.27 -11.93 -3.96
N TYR A 36 21.12 -13.27 -4.06
CA TYR A 36 20.14 -14.01 -3.30
C TYR A 36 20.35 -13.87 -1.82
N GLU A 37 21.59 -14.11 -1.37
CA GLU A 37 21.93 -14.19 0.05
C GLU A 37 21.94 -12.81 0.70
N ALA A 38 22.31 -11.81 -0.07
CA ALA A 38 22.25 -10.42 0.36
C ALA A 38 20.79 -9.98 0.59
N ALA A 39 19.82 -10.64 -0.03
CA ALA A 39 18.45 -10.29 0.31
C ALA A 39 17.78 -11.26 1.32
N VAL A 40 18.49 -12.23 1.87
CA VAL A 40 17.85 -13.07 2.91
C VAL A 40 17.82 -12.21 4.11
N PRO A 41 16.62 -11.89 4.61
CA PRO A 41 16.58 -11.04 5.82
C PRO A 41 17.43 -11.63 6.93
N ILE A 42 18.04 -10.78 7.75
CA ILE A 42 18.90 -11.28 8.85
C ILE A 42 18.15 -12.36 9.60
N THR A 43 16.86 -12.15 9.88
CA THR A 43 16.11 -13.01 10.79
C THR A 43 15.92 -14.38 10.23
N GLU A 44 16.06 -14.55 8.91
CA GLU A 44 15.91 -15.86 8.30
C GLU A 44 17.21 -16.51 7.93
N LYS A 45 18.32 -15.80 8.12
CA LYS A 45 19.63 -16.29 7.72
C LYS A 45 19.98 -17.52 8.54
N SER A 46 20.92 -18.29 7.99
CA SER A 46 21.51 -19.39 8.70
C SER A 46 22.67 -18.83 9.51
N ASN A 47 22.65 -19.07 10.81
CA ASN A 47 23.74 -18.60 11.67
C ASN A 47 25.00 -19.46 11.52
N PRO A 48 26.12 -18.86 11.06
CA PRO A 48 27.43 -19.56 10.91
C PRO A 48 27.89 -20.35 12.16
N LEU A 49 27.73 -19.77 13.34
CA LEU A 49 28.01 -20.48 14.58
C LEU A 49 27.37 -21.86 14.69
N THR A 50 26.21 -22.07 14.08
CA THR A 50 25.51 -23.30 14.28
C THR A 50 25.39 -24.07 12.98
N GLN A 51 26.35 -23.92 12.07
CA GLN A 51 26.34 -24.72 10.80
C GLN A 51 26.12 -26.19 11.16
N ASP A 52 26.77 -26.64 12.23
CA ASP A 52 26.84 -28.08 12.57
C ASP A 52 26.10 -28.43 13.84
N LEU A 53 25.03 -27.69 14.12
CA LEU A 53 24.29 -27.90 15.35
C LEU A 53 23.77 -29.31 15.45
N ASP A 54 23.49 -29.92 14.30
CA ASP A 54 22.87 -31.24 14.27
C ASP A 54 23.89 -32.33 14.66
N LYS A 55 25.16 -31.94 14.75
CA LYS A 55 26.23 -32.85 15.16
C LYS A 55 26.88 -32.36 16.47
N ALA A 56 26.09 -31.98 17.45
CA ALA A 56 26.70 -31.44 18.64
C ALA A 56 26.08 -32.12 19.81
N ASP A 57 26.92 -32.46 20.79
CA ASP A 57 26.43 -33.02 22.05
C ASP A 57 25.70 -31.94 22.88
N ALA A 58 25.21 -32.33 24.05
CA ALA A 58 24.37 -31.43 24.81
C ALA A 58 25.11 -30.17 25.24
N GLU A 59 26.43 -30.28 25.44
CA GLU A 59 27.21 -29.20 26.06
C GLU A 59 27.56 -28.16 24.99
N ASN A 60 28.02 -28.62 23.85
CA ASN A 60 28.19 -27.76 22.69
C ASN A 60 26.93 -26.96 22.28
N ILE A 61 25.80 -27.65 22.21
CA ILE A 61 24.54 -27.01 21.91
C ILE A 61 24.32 -25.84 22.85
N VAL A 62 24.44 -26.08 24.15
CA VAL A 62 24.31 -24.99 25.15
C VAL A 62 25.32 -23.85 24.88
N ARG A 63 26.56 -24.21 24.61
CA ARG A 63 27.56 -23.22 24.34
C ARG A 63 27.13 -22.41 23.10
N LEU A 64 26.80 -23.13 22.03
CA LEU A 64 26.42 -22.50 20.77
C LEU A 64 25.25 -21.52 20.91
N LEU A 65 24.17 -21.93 21.58
CA LEU A 65 23.01 -21.06 21.76
C LEU A 65 23.26 -19.91 22.73
N GLY A 66 24.13 -20.14 23.73
CA GLY A 66 24.52 -19.11 24.68
C GLY A 66 25.26 -18.06 23.91
N GLN A 67 26.04 -18.53 22.97
CA GLN A 67 26.77 -17.65 22.13
C GLN A 67 25.81 -16.92 21.17
N CYS A 68 24.86 -17.60 20.51
CA CYS A 68 23.92 -16.91 19.61
C CYS A 68 23.14 -15.85 20.42
N ASP A 69 22.57 -16.25 21.56
CA ASP A 69 21.94 -15.29 22.50
C ASP A 69 22.81 -14.07 22.82
N ALA A 70 24.11 -14.28 22.92
CA ALA A 70 25.04 -13.22 23.28
C ALA A 70 25.13 -12.14 22.19
N GLU A 71 24.84 -12.51 20.94
CA GLU A 71 24.88 -11.59 19.81
C GLU A 71 23.90 -10.41 19.98
N ILE A 72 22.93 -10.54 20.86
CA ILE A 72 21.98 -9.45 21.10
C ILE A 72 22.71 -8.25 21.64
N PHE A 73 23.74 -8.51 22.43
CA PHE A 73 24.47 -7.48 23.11
C PHE A 73 25.79 -7.05 22.42
N GLN A 74 26.08 -7.66 21.28
CA GLN A 74 27.28 -7.32 20.54
C GLN A 74 27.11 -5.93 19.94
N GLU A 75 28.20 -5.15 19.96
CA GLU A 75 28.20 -3.76 19.46
C GLU A 75 28.45 -3.72 17.98
N GLU A 76 28.10 -2.58 17.37
CA GLU A 76 28.30 -2.37 15.93
C GLU A 76 29.78 -2.34 15.57
N GLY A 77 30.17 -3.19 14.62
CA GLY A 77 31.43 -3.02 13.87
C GLY A 77 31.52 -1.69 13.10
N GLN A 78 32.70 -1.40 12.53
CA GLN A 78 32.94 -0.11 11.83
C GLN A 78 32.62 -0.13 10.31
N SER A 81 30.81 0.43 8.06
CA SER A 81 30.09 -0.08 6.88
C SER A 81 29.18 -1.33 7.16
N THR A 82 28.08 -1.15 7.92
CA THR A 82 27.32 -2.27 8.59
C THR A 82 26.06 -1.85 9.38
N TYR A 83 25.30 -2.85 9.89
CA TYR A 83 23.98 -2.61 10.53
C TYR A 83 23.92 -2.08 12.01
N GLN A 84 23.05 -1.13 12.28
CA GLN A 84 22.85 -0.64 13.65
C GLN A 84 22.42 -1.81 14.60
N ARG A 85 22.83 -1.74 15.85
CA ARG A 85 22.56 -2.79 16.85
C ARG A 85 22.07 -2.19 18.19
N LEU A 86 21.85 -3.02 19.19
CA LEU A 86 21.15 -2.55 20.37
C LEU A 86 21.83 -1.37 21.08
N TYR A 87 23.15 -1.44 21.13
CA TYR A 87 24.00 -0.42 21.75
C TYR A 87 24.47 0.74 20.81
N SER A 88 23.96 0.79 19.58
CA SER A 88 24.25 1.87 18.69
C SER A 88 23.42 3.08 19.09
N GLU A 89 23.96 4.25 18.78
CA GLU A 89 23.44 5.53 19.27
C GLU A 89 22.09 5.88 18.58
N SER A 90 21.94 5.51 17.32
CA SER A 90 20.63 5.70 16.66
C SER A 90 19.52 4.91 17.37
N ILE A 91 19.79 3.65 17.71
CA ILE A 91 18.83 2.86 18.40
C ILE A 91 18.53 3.39 19.80
N LEU A 92 19.55 3.75 20.60
CA LEU A 92 19.26 4.22 21.98
C LEU A 92 18.59 5.55 21.99
N THR A 93 19.00 6.40 21.05
CA THR A 93 18.32 7.69 20.84
C THR A 93 16.87 7.48 20.53
N THR A 94 16.54 6.49 19.69
CA THR A 94 15.13 6.19 19.42
C THR A 94 14.44 5.65 20.69
N MET A 95 15.11 4.76 21.39
CA MET A 95 14.54 4.32 22.64
C MET A 95 14.24 5.54 23.52
N VAL A 96 15.17 6.47 23.65
CA VAL A 96 14.97 7.61 24.56
C VAL A 96 13.75 8.34 24.13
N GLN A 97 13.75 8.75 22.87
CA GLN A 97 12.58 9.41 22.23
C GLN A 97 11.22 8.77 22.53
N VAL A 98 11.08 7.47 22.30
CA VAL A 98 9.84 6.75 22.60
C VAL A 98 9.47 6.79 24.10
N ALA A 99 10.40 6.41 24.97
CA ALA A 99 10.21 6.63 26.41
C ALA A 99 9.61 8.04 26.64
N GLY A 100 10.22 9.04 26.03
CA GLY A 100 9.63 10.37 26.03
C GLY A 100 8.13 10.38 25.70
N LYS A 101 7.72 9.69 24.63
CA LYS A 101 6.29 9.71 24.22
C LYS A 101 5.40 8.90 25.17
N VAL A 102 5.96 7.86 25.80
CA VAL A 102 5.22 7.16 26.86
C VAL A 102 4.99 8.05 28.10
N GLN A 103 5.98 8.84 28.49
CA GLN A 103 5.78 9.82 29.56
C GLN A 103 4.52 10.67 29.26
N GLU A 104 4.40 11.26 28.07
CA GLU A 104 3.24 12.13 27.77
C GLU A 104 1.93 11.49 28.16
N VAL A 105 1.81 10.19 27.89
CA VAL A 105 0.56 9.46 28.11
C VAL A 105 0.38 9.25 29.59
N LEU A 106 1.46 8.90 30.28
CA LEU A 106 1.39 8.71 31.74
C LEU A 106 0.94 9.98 32.45
N LYS A 107 1.39 11.14 31.98
CA LYS A 107 1.00 12.45 32.53
C LYS A 107 -0.47 12.72 32.39
N GLU A 108 -1.05 12.25 31.30
CA GLU A 108 -2.47 12.40 31.08
C GLU A 108 -3.09 11.03 30.84
N PRO A 109 -3.41 10.30 31.89
CA PRO A 109 -3.97 8.97 31.69
C PRO A 109 -5.44 8.88 31.28
N ASP A 110 -6.23 9.95 31.41
CA ASP A 110 -7.66 9.86 31.01
C ASP A 110 -7.76 9.79 29.48
N GLY A 111 -8.24 8.67 28.97
CA GLY A 111 -8.32 8.49 27.53
C GLY A 111 -6.98 8.16 26.88
N GLY A 112 -5.99 7.81 27.69
CA GLY A 112 -4.68 7.41 27.22
C GLY A 112 -4.65 5.90 27.26
N LEU A 113 -3.85 5.29 26.39
CA LEU A 113 -3.74 3.83 26.29
C LEU A 113 -2.38 3.45 25.66
N VAL A 114 -1.83 2.30 26.04
CA VAL A 114 -0.57 1.84 25.47
C VAL A 114 -0.77 0.40 25.08
N VAL A 115 -0.79 0.11 23.77
CA VAL A 115 -1.05 -1.24 23.25
C VAL A 115 0.23 -1.87 22.80
N LEU A 116 0.49 -3.09 23.25
CA LEU A 116 1.59 -3.91 22.72
C LEU A 116 1.02 -5.08 21.92
N SER A 117 1.44 -5.24 20.66
CA SER A 117 0.78 -6.18 19.75
C SER A 117 1.72 -6.98 18.86
N GLY A 118 1.41 -8.23 18.64
CA GLY A 118 2.24 -9.10 17.87
C GLY A 118 1.53 -10.42 17.64
N GLY A 119 1.97 -11.14 16.62
CA GLY A 119 1.52 -12.52 16.40
C GLY A 119 2.45 -13.48 17.08
N GLY A 120 1.94 -14.64 17.52
CA GLY A 120 2.77 -15.73 18.01
C GLY A 120 3.60 -15.31 19.22
N THR A 121 4.91 -15.58 19.16
CA THR A 121 5.73 -15.24 20.30
C THR A 121 5.80 -13.75 20.52
N SER A 122 5.71 -12.94 19.48
CA SER A 122 5.70 -11.51 19.73
C SER A 122 4.50 -11.16 20.55
N GLY A 123 3.39 -11.85 20.29
CA GLY A 123 2.16 -11.66 21.07
C GLY A 123 2.30 -12.18 22.52
N ARG A 124 2.89 -13.35 22.68
CA ARG A 124 3.11 -13.87 23.97
C ARG A 124 3.92 -12.85 24.80
N MET A 125 5.06 -12.39 24.28
CA MET A 125 5.85 -11.35 24.93
C MET A 125 5.06 -10.07 25.16
N ALA A 126 4.19 -9.68 24.23
CA ALA A 126 3.33 -8.51 24.50
C ALA A 126 2.51 -8.61 25.80
N PHE A 127 2.06 -9.83 26.04
CA PHE A 127 1.11 -10.14 27.09
C PHE A 127 1.83 -9.96 28.42
N LEU A 128 2.96 -10.64 28.55
CA LEU A 128 3.77 -10.56 29.76
C LEU A 128 4.05 -9.11 30.13
N MET A 129 4.56 -8.36 29.18
CA MET A 129 4.89 -6.99 29.43
C MET A 129 3.65 -6.16 29.79
N SER A 130 2.50 -6.42 29.17
CA SER A 130 1.31 -5.64 29.51
C SER A 130 0.97 -5.84 30.98
N VAL A 131 1.23 -7.03 31.50
CA VAL A 131 0.82 -7.35 32.84
C VAL A 131 1.76 -6.66 33.82
N SER A 132 3.06 -6.87 33.61
CA SER A 132 4.07 -6.25 34.42
C SER A 132 3.82 -4.77 34.60
N PHE A 133 3.66 -4.03 33.51
CA PHE A 133 3.53 -2.60 33.65
C PHE A 133 2.17 -2.20 34.19
N ASN A 134 1.18 -3.07 33.99
CA ASN A 134 -0.10 -2.90 34.70
C ASN A 134 0.07 -3.06 36.22
N GLN A 135 0.78 -4.12 36.66
CA GLN A 135 1.09 -4.28 38.06
C GLN A 135 1.79 -3.00 38.57
N LEU A 136 2.81 -2.59 37.86
CA LEU A 136 3.60 -1.43 38.27
C LEU A 136 2.74 -0.19 38.51
N MET A 137 1.69 0.01 37.73
CA MET A 137 0.84 1.16 37.96
C MET A 137 -0.17 0.88 39.08
N LYS A 138 -0.55 -0.38 39.21
CA LYS A 138 -1.32 -0.86 40.34
C LYS A 138 -0.59 -0.53 41.65
N GLY A 139 0.66 -1.02 41.75
CA GLY A 139 1.60 -0.67 42.81
C GLY A 139 1.63 0.82 43.17
N LEU A 140 1.62 1.71 42.19
CA LEU A 140 1.48 3.13 42.48
C LEU A 140 0.03 3.56 42.69
N GLY A 141 -0.92 2.63 42.66
CA GLY A 141 -2.35 2.96 42.58
C GLY A 141 -2.71 3.92 41.47
N GLN A 142 -2.14 3.72 40.28
CA GLN A 142 -2.37 4.63 39.17
C GLN A 142 -3.47 4.27 38.18
N LYS A 143 -3.79 2.99 38.06
CA LYS A 143 -4.78 2.50 37.07
C LYS A 143 -4.08 2.08 35.81
N PRO A 144 -4.22 0.80 35.46
CA PRO A 144 -3.48 0.26 34.33
C PRO A 144 -3.75 0.99 32.99
N LEU A 145 -2.68 1.31 32.27
CA LEU A 145 -2.79 1.92 30.95
C LEU A 145 -2.43 0.98 29.81
N TYR A 146 -1.93 -0.21 30.14
CA TYR A 146 -1.44 -1.13 29.13
C TYR A 146 -2.43 -2.17 28.77
N THR A 147 -2.40 -2.53 27.51
CA THR A 147 -3.05 -3.73 27.11
C THR A 147 -2.26 -4.40 26.00
N TYR A 148 -2.71 -5.58 25.60
CA TYR A 148 -1.98 -6.35 24.62
C TYR A 148 -2.94 -6.79 23.53
N LEU A 149 -2.40 -7.19 22.38
CA LEU A 149 -3.19 -7.78 21.27
C LEU A 149 -2.36 -8.88 20.68
N ILE A 150 -2.98 -10.03 20.47
CA ILE A 150 -2.31 -11.12 19.83
C ILE A 150 -3.19 -11.67 18.71
N ALA A 151 -2.53 -12.00 17.61
CA ALA A 151 -3.11 -12.66 16.48
C ALA A 151 -3.93 -13.83 16.95
N GLY A 152 -5.25 -13.76 16.65
CA GLY A 152 -6.20 -14.82 16.87
C GLY A 152 -6.92 -14.65 18.21
N GLY A 153 -6.81 -13.51 18.85
CA GLY A 153 -7.40 -13.29 20.16
C GLY A 153 -6.66 -13.98 21.32
N ASP A 154 -7.17 -13.69 22.52
CA ASP A 154 -6.50 -13.99 23.77
C ASP A 154 -6.21 -15.46 23.92
N ARG A 155 -7.04 -16.30 23.31
CA ARG A 155 -6.78 -17.73 23.34
C ARG A 155 -5.39 -18.00 22.82
N SER A 156 -4.94 -17.20 21.86
CA SER A 156 -3.62 -17.42 21.23
C SER A 156 -2.43 -17.33 22.21
N VAL A 157 -2.56 -16.54 23.27
CA VAL A 157 -1.46 -16.34 24.25
C VAL A 157 -0.78 -17.62 24.66
N VAL A 158 -1.58 -18.68 24.87
CA VAL A 158 -1.08 -19.96 25.35
C VAL A 158 -1.30 -21.13 24.38
N ALA A 159 -1.60 -20.83 23.13
CA ALA A 159 -1.81 -21.88 22.13
C ALA A 159 -0.87 -21.79 20.93
N SER A 160 -0.78 -22.90 20.21
CA SER A 160 -0.15 -22.93 18.88
C SER A 160 -1.21 -22.54 17.88
N ARG A 161 -1.15 -21.32 17.37
CA ARG A 161 -2.12 -20.85 16.39
C ARG A 161 -1.41 -20.04 15.28
N GLU A 162 -0.45 -20.68 14.61
CA GLU A 162 0.42 -20.00 13.63
C GLU A 162 -0.31 -19.36 12.42
N GLY A 163 -1.52 -19.80 12.13
CA GLY A 163 -2.28 -19.34 10.95
C GLY A 163 -2.94 -18.00 11.09
N THR A 164 -2.94 -17.43 12.30
CA THR A 164 -3.77 -16.26 12.60
C THR A 164 -3.14 -14.91 12.28
N GLU A 165 -1.84 -14.92 11.99
CA GLU A 165 -1.09 -13.73 11.73
C GLU A 165 -1.18 -13.05 10.31
N ASP A 166 -1.89 -13.70 9.38
CA ASP A 166 -1.83 -13.36 7.94
C ASP A 166 -2.86 -12.35 7.48
N SER A 167 -3.68 -11.83 8.40
CA SER A 167 -4.71 -10.86 8.07
C SER A 167 -4.44 -9.50 8.70
N ALA A 168 -4.23 -8.53 7.81
CA ALA A 168 -4.16 -7.15 8.19
C ALA A 168 -5.49 -6.63 8.70
N LEU A 169 -6.62 -7.01 8.10
CA LEU A 169 -7.92 -6.53 8.62
C LEU A 169 -8.17 -7.02 10.04
N HIS A 170 -7.91 -8.27 10.30
CA HIS A 170 -7.99 -8.77 11.66
C HIS A 170 -7.17 -7.89 12.67
N GLY A 171 -5.87 -7.80 12.49
CA GLY A 171 -5.03 -6.85 13.18
C GLY A 171 -5.75 -5.59 13.54
N ILE A 172 -6.33 -4.94 12.52
CA ILE A 172 -6.91 -3.61 12.64
C ILE A 172 -8.20 -3.65 13.46
N GLU A 173 -8.93 -4.75 13.33
CA GLU A 173 -10.17 -4.91 14.02
C GLU A 173 -9.95 -5.03 15.54
N GLU A 174 -9.03 -5.91 15.92
CA GLU A 174 -8.55 -6.01 17.30
C GLU A 174 -8.09 -4.66 17.86
N LEU A 175 -7.31 -3.93 17.06
CA LEU A 175 -6.84 -2.62 17.45
C LEU A 175 -7.99 -1.62 17.63
N LYS A 176 -9.00 -1.67 16.76
CA LYS A 176 -10.14 -0.73 16.86
C LYS A 176 -11.05 -1.04 18.05
N LYS A 177 -11.16 -2.32 18.42
CA LYS A 177 -11.93 -2.75 19.57
C LYS A 177 -11.36 -2.12 20.84
N VAL A 178 -10.06 -2.27 21.01
CA VAL A 178 -9.36 -1.89 22.22
C VAL A 178 -9.11 -0.39 22.31
N ALA A 179 -8.91 0.29 21.19
CA ALA A 179 -8.80 1.75 21.19
C ALA A 179 -10.17 2.43 21.23
N ALA A 180 -11.20 1.65 21.56
CA ALA A 180 -12.48 2.11 22.17
C ALA A 180 -12.79 3.53 21.75
N GLY A 181 -12.89 4.46 22.70
CA GLY A 181 -12.97 5.90 22.38
C GLY A 181 -11.88 6.62 23.16
N LYS A 182 -10.66 6.05 23.09
CA LYS A 182 -9.46 6.59 23.71
C LYS A 182 -9.04 7.84 22.95
N LYS A 183 -8.23 8.70 23.55
CA LYS A 183 -7.80 9.95 22.88
C LYS A 183 -6.31 10.05 22.52
N ARG A 184 -5.47 9.24 23.16
CA ARG A 184 -4.05 9.19 22.89
C ARG A 184 -3.59 7.74 23.01
N VAL A 185 -3.20 7.14 21.90
CA VAL A 185 -2.90 5.71 21.91
C VAL A 185 -1.56 5.40 21.29
N ILE A 186 -0.72 4.71 22.04
CA ILE A 186 0.57 4.32 21.51
C ILE A 186 0.42 2.86 21.16
N VAL A 187 0.75 2.52 19.91
CA VAL A 187 0.66 1.14 19.44
C VAL A 187 2.03 0.62 19.08
N ILE A 188 2.51 -0.27 19.93
CA ILE A 188 3.80 -0.89 19.75
C ILE A 188 3.64 -2.24 19.04
N GLY A 189 3.86 -2.24 17.72
CA GLY A 189 3.69 -3.44 16.91
C GLY A 189 4.98 -4.19 16.86
N ILE A 190 4.97 -5.43 17.27
CA ILE A 190 6.18 -6.17 17.40
C ILE A 190 6.15 -7.28 16.38
N SER A 191 7.12 -7.31 15.50
CA SER A 191 7.23 -8.41 14.60
C SER A 191 8.71 -8.58 14.31
N VAL A 192 9.25 -9.69 14.73
CA VAL A 192 10.65 -9.80 14.74
C VAL A 192 11.20 -9.62 13.37
N GLY A 193 10.55 -10.30 12.44
CA GLY A 193 10.94 -10.26 11.05
C GLY A 193 10.51 -9.04 10.28
N LEU A 194 9.86 -8.09 10.92
CA LEU A 194 9.16 -7.02 10.21
C LEU A 194 8.31 -7.70 9.12
N SER A 195 7.48 -8.64 9.54
CA SER A 195 6.85 -9.60 8.68
C SER A 195 5.35 -9.69 8.80
N ALA A 196 4.79 -9.62 10.01
CA ALA A 196 3.45 -10.18 10.21
C ALA A 196 2.35 -9.20 9.74
N PRO A 197 1.49 -9.66 8.81
CA PRO A 197 0.47 -8.78 8.26
C PRO A 197 -0.48 -8.21 9.32
N PHE A 198 -0.73 -8.98 10.37
CA PHE A 198 -1.40 -8.49 11.59
C PHE A 198 -0.83 -7.13 12.07
N VAL A 199 0.48 -7.03 12.20
CA VAL A 199 1.05 -5.79 12.67
C VAL A 199 1.00 -4.75 11.57
N ALA A 200 1.37 -5.17 10.36
CA ALA A 200 1.41 -4.25 9.22
C ALA A 200 0.16 -3.34 9.14
N GLY A 201 -1.00 -3.97 9.21
CA GLY A 201 -2.25 -3.21 9.14
C GLY A 201 -2.38 -2.20 10.26
N GLN A 202 -2.06 -2.64 11.47
CA GLN A 202 -2.14 -1.78 12.67
C GLN A 202 -1.29 -0.53 12.44
N MET A 203 -0.05 -0.73 11.98
CA MET A 203 0.90 0.40 11.85
C MET A 203 0.34 1.37 10.79
N ASP A 204 -0.13 0.81 9.67
CA ASP A 204 -0.71 1.62 8.60
C ASP A 204 -1.96 2.36 9.07
N CYS A 205 -2.88 1.68 9.74
CA CYS A 205 -4.04 2.36 10.32
C CYS A 205 -3.65 3.53 11.25
N CYS A 206 -2.64 3.31 12.10
CA CYS A 206 -2.18 4.38 13.01
C CYS A 206 -1.70 5.58 12.19
N MET A 207 -1.02 5.35 11.08
CA MET A 207 -0.52 6.50 10.31
C MET A 207 -1.65 7.26 9.65
N ASN A 208 -2.80 6.64 9.46
CA ASN A 208 -3.92 7.39 8.87
C ASN A 208 -4.66 8.25 9.93
N ASN A 209 -4.33 8.07 11.20
CA ASN A 209 -4.91 8.92 12.22
C ASN A 209 -3.87 9.29 13.31
N THR A 210 -2.96 10.16 12.90
CA THR A 210 -1.86 10.63 13.70
C THR A 210 -2.30 11.34 14.99
N ALA A 211 -3.38 12.14 14.90
CA ALA A 211 -4.01 12.81 16.06
C ALA A 211 -4.16 11.89 17.27
N VAL A 212 -4.85 10.79 17.06
CA VAL A 212 -5.06 9.81 18.11
C VAL A 212 -3.91 8.86 18.28
N PHE A 213 -3.37 8.29 17.19
CA PHE A 213 -2.43 7.16 17.36
C PHE A 213 -0.97 7.48 17.16
N LEU A 214 -0.12 6.76 17.88
CA LEU A 214 1.30 6.84 17.64
C LEU A 214 1.88 5.42 17.48
N PRO A 215 2.28 5.04 16.25
CA PRO A 215 2.86 3.75 15.98
C PRO A 215 4.33 3.63 16.29
N VAL A 216 4.69 2.55 16.93
CA VAL A 216 6.05 2.24 17.17
C VAL A 216 6.23 0.82 16.72
N LEU A 217 7.09 0.63 15.74
CA LEU A 217 7.32 -0.67 15.16
C LEU A 217 8.59 -1.26 15.73
N VAL A 218 8.52 -2.52 16.18
CA VAL A 218 9.65 -3.20 16.76
C VAL A 218 9.97 -4.51 16.11
N GLY A 219 11.19 -4.68 15.65
CA GLY A 219 11.62 -5.91 14.95
C GLY A 219 13.13 -5.89 14.82
N PHE A 220 13.71 -6.83 14.08
CA PHE A 220 15.15 -7.07 14.13
C PHE A 220 15.79 -7.25 12.78
N ASN A 221 15.19 -6.59 11.81
CA ASN A 221 15.75 -6.50 10.47
C ASN A 221 15.81 -5.03 10.06
N PRO A 222 16.77 -4.65 9.21
CA PRO A 222 16.64 -3.29 8.65
C PRO A 222 15.38 -3.14 7.81
N VAL A 223 14.90 -1.95 7.70
CA VAL A 223 13.72 -1.71 6.89
C VAL A 223 13.91 -2.13 5.44
N SER A 224 15.09 -1.91 4.88
CA SER A 224 15.36 -2.48 3.55
C SER A 224 15.19 -4.00 3.43
N MET A 225 15.02 -4.71 4.55
CA MET A 225 14.82 -6.16 4.50
C MET A 225 13.44 -6.53 5.02
N ALA A 226 12.61 -5.53 5.29
CA ALA A 226 11.29 -5.82 5.78
C ALA A 226 10.55 -6.58 4.71
N ARG A 227 9.65 -7.44 5.12
CA ARG A 227 8.89 -8.29 4.21
C ARG A 227 8.22 -7.45 3.14
N ASN A 228 8.34 -7.92 1.88
CA ASN A 228 7.79 -7.21 0.72
C ASN A 228 6.85 -7.94 -0.24
N ASP A 229 6.40 -9.15 0.08
CA ASP A 229 5.38 -9.88 -0.70
C ASP A 229 3.99 -9.41 -0.34
N PRO A 230 3.05 -9.40 -1.31
CA PRO A 230 1.68 -8.91 -1.10
C PRO A 230 1.01 -9.58 0.07
N ILE A 231 0.24 -8.83 0.85
CA ILE A 231 -0.62 -9.38 1.86
C ILE A 231 -1.98 -9.59 1.23
N GLU A 232 -2.59 -10.71 1.50
CA GLU A 232 -3.79 -11.07 0.79
C GLU A 232 -4.90 -10.04 0.97
N ASP A 233 -5.11 -9.52 2.18
CA ASP A 233 -6.20 -8.54 2.43
C ASP A 233 -5.74 -7.10 2.54
N TRP A 234 -4.62 -6.71 1.93
CA TRP A 234 -4.08 -5.35 2.19
C TRP A 234 -3.21 -4.98 0.99
N SER A 235 -3.23 -3.70 0.66
CA SER A 235 -2.64 -3.19 -0.58
C SER A 235 -1.13 -2.85 -0.49
N SER A 236 -0.66 -2.50 0.70
CA SER A 236 0.71 -2.08 0.94
C SER A 236 1.44 -3.23 1.53
N THR A 237 2.75 -3.27 1.39
CA THR A 237 3.57 -4.37 2.01
C THR A 237 4.14 -3.94 3.38
N PHE A 238 4.63 -4.85 4.20
CA PHE A 238 5.32 -4.41 5.45
C PHE A 238 6.42 -3.40 5.14
N ARG A 239 7.24 -3.74 4.16
CA ARG A 239 8.33 -2.85 3.72
C ARG A 239 7.86 -1.43 3.54
N GLN A 240 6.74 -1.24 2.87
CA GLN A 240 6.26 0.09 2.56
C GLN A 240 5.80 0.87 3.76
N VAL A 241 5.12 0.12 4.60
CA VAL A 241 4.61 0.63 5.83
C VAL A 241 5.79 1.03 6.72
N ALA A 242 6.78 0.18 6.83
CA ALA A 242 7.92 0.50 7.63
C ALA A 242 8.71 1.69 7.05
N GLU A 243 8.86 1.74 5.72
CA GLU A 243 9.56 2.86 5.09
C GLU A 243 8.86 4.15 5.39
N ARG A 244 7.54 4.09 5.37
CA ARG A 244 6.76 5.32 5.58
C ARG A 244 6.79 5.76 7.07
N MET A 245 6.86 4.77 7.98
CA MET A 245 7.02 5.06 9.38
C MET A 245 8.38 5.75 9.68
N GLN A 246 9.42 5.26 9.02
CA GLN A 246 10.76 5.81 9.17
C GLN A 246 10.82 7.25 8.65
N LYS A 247 10.11 7.55 7.58
CA LYS A 247 10.02 8.94 7.19
C LYS A 247 9.39 9.77 8.29
N MET A 248 8.35 9.25 8.94
CA MET A 248 7.57 10.01 9.96
C MET A 248 8.33 10.20 11.24
N GLN A 249 9.32 9.34 11.48
CA GLN A 249 10.18 9.47 12.61
C GLN A 249 10.93 10.81 12.67
N GLU A 250 11.33 11.36 11.53
CA GLU A 250 11.89 12.73 11.52
C GLU A 250 10.99 13.77 12.18
N LYS A 251 9.67 13.63 12.07
CA LYS A 251 8.70 14.53 12.73
C LYS A 251 8.24 13.91 14.06
N GLN A 252 8.83 12.81 14.52
CA GLN A 252 8.40 12.21 15.79
C GLN A 252 6.96 11.75 15.81
N LYS A 253 6.43 11.36 14.66
CA LYS A 253 5.06 10.83 14.64
C LYS A 253 4.97 9.32 14.39
N ALA A 254 6.09 8.67 14.12
CA ALA A 254 6.16 7.23 14.15
C ALA A 254 7.55 6.87 14.57
N PHE A 255 7.77 5.62 14.99
CA PHE A 255 9.12 5.23 15.34
C PHE A 255 9.40 3.83 14.86
N VAL A 256 10.61 3.58 14.39
CA VAL A 256 11.00 2.24 14.09
C VAL A 256 12.17 1.93 14.97
N LEU A 257 12.08 0.83 15.69
CA LEU A 257 13.08 0.36 16.60
C LEU A 257 13.54 -1.00 16.15
N ASN A 258 14.67 -1.09 15.48
CA ASN A 258 15.02 -2.30 14.77
C ASN A 258 16.48 -2.61 14.69
N PRO A 259 17.10 -2.97 15.83
CA PRO A 259 18.52 -3.30 15.85
C PRO A 259 18.67 -4.69 15.33
N ALA A 260 19.81 -4.99 14.74
CA ALA A 260 20.13 -6.33 14.35
C ALA A 260 20.63 -7.05 15.58
N ILE A 261 20.30 -8.34 15.69
CA ILE A 261 20.82 -9.16 16.75
C ILE A 261 21.36 -10.46 16.22
N GLY A 262 21.52 -10.55 14.91
CA GLY A 262 22.10 -11.71 14.27
C GLY A 262 21.08 -12.85 14.16
N PRO A 263 21.30 -13.77 13.24
CA PRO A 263 20.39 -14.86 12.98
C PRO A 263 20.22 -15.73 14.18
N GLU A 264 19.09 -16.44 14.21
CA GLU A 264 18.76 -17.38 15.28
C GLU A 264 19.64 -18.61 15.17
N GLY A 265 19.91 -19.26 16.30
CA GLY A 265 20.68 -20.46 16.24
C GLY A 265 19.98 -21.57 15.44
N LEU A 266 18.66 -21.63 15.59
CA LEU A 266 17.81 -22.45 14.70
C LEU A 266 17.16 -21.51 13.71
N SER A 267 17.54 -21.63 12.44
CA SER A 267 17.20 -20.67 11.43
C SER A 267 15.75 -20.27 11.50
N GLY A 268 15.47 -18.99 11.69
CA GLY A 268 14.10 -18.49 11.61
C GLY A 268 13.24 -18.77 12.80
N SER A 269 13.80 -19.39 13.82
CA SER A 269 13.06 -19.64 15.03
C SER A 269 13.08 -18.35 15.87
N SER A 270 12.27 -17.37 15.44
CA SER A 270 12.29 -16.07 16.08
C SER A 270 11.75 -16.10 17.53
N ARG A 271 11.25 -17.26 17.97
CA ARG A 271 10.76 -17.32 19.35
C ARG A 271 11.95 -17.10 20.34
N MET A 272 13.17 -17.37 19.88
CA MET A 272 14.35 -17.40 20.70
C MET A 272 14.98 -16.04 20.88
N LYS A 273 16.06 -15.74 20.13
CA LYS A 273 16.67 -14.46 20.25
C LYS A 273 15.66 -13.38 20.04
N GLY A 274 14.77 -13.55 19.05
CA GLY A 274 13.74 -12.57 18.79
C GLY A 274 12.85 -12.24 19.97
N GLY A 275 12.43 -13.29 20.67
CA GLY A 275 11.58 -13.11 21.87
C GLY A 275 12.33 -12.38 22.98
N SER A 276 13.56 -12.80 23.22
CA SER A 276 14.37 -12.20 24.27
C SER A 276 14.67 -10.75 24.00
N ALA A 277 15.18 -10.46 22.80
CA ALA A 277 15.47 -9.07 22.48
C ALA A 277 14.20 -8.21 22.59
N THR A 278 13.04 -8.80 22.32
CA THR A 278 11.83 -8.02 22.43
C THR A 278 11.67 -7.62 23.89
N LYS A 279 11.80 -8.57 24.82
CA LYS A 279 11.70 -8.23 26.23
C LYS A 279 12.78 -7.20 26.61
N ILE A 280 14.01 -7.52 26.28
CA ILE A 280 15.12 -6.71 26.73
C ILE A 280 14.81 -5.28 26.31
N LEU A 281 14.42 -5.17 25.07
CA LEU A 281 14.33 -3.87 24.49
C LEU A 281 13.16 -3.12 25.11
N LEU A 282 12.02 -3.78 25.20
CA LEU A 282 10.82 -3.03 25.63
C LEU A 282 10.73 -2.82 27.15
N GLU A 283 11.08 -3.84 27.90
CA GLU A 283 11.11 -3.67 29.34
C GLU A 283 12.06 -2.49 29.70
N THR A 284 13.29 -2.55 29.21
CA THR A 284 14.23 -1.44 29.37
C THR A 284 13.56 -0.09 29.18
N LEU A 285 12.93 0.05 28.03
CA LEU A 285 12.48 1.34 27.63
C LEU A 285 11.34 1.78 28.51
N LEU A 286 10.41 0.89 28.78
CA LEU A 286 9.21 1.31 29.49
C LEU A 286 9.54 1.57 30.99
N LEU A 287 10.37 0.72 31.56
CA LEU A 287 10.82 0.93 32.91
C LEU A 287 11.48 2.31 33.09
N ALA A 288 12.33 2.65 32.13
CA ALA A 288 13.00 3.91 32.20
C ALA A 288 11.99 5.03 32.15
N ALA A 289 10.91 4.82 31.40
CA ALA A 289 9.93 5.89 31.26
C ALA A 289 9.23 6.08 32.60
N HIS A 290 8.87 4.97 33.25
CA HIS A 290 8.11 5.04 34.49
C HIS A 290 9.05 5.65 35.55
N LYS A 291 10.13 4.95 35.88
CA LYS A 291 11.00 5.41 36.94
C LYS A 291 11.51 6.84 36.73
N THR A 292 11.55 7.36 35.51
CA THR A 292 11.92 8.75 35.29
C THR A 292 10.77 9.75 35.34
N VAL A 293 9.52 9.35 35.12
CA VAL A 293 8.46 10.35 35.27
C VAL A 293 8.28 10.80 36.71
N ASP A 294 8.32 9.84 37.63
CA ASP A 294 8.01 10.17 39.02
C ASP A 294 9.16 10.96 39.60
N GLN A 295 10.35 10.85 39.01
CA GLN A 295 11.51 11.67 39.39
C GLN A 295 11.55 13.08 38.76
N GLY A 296 10.62 13.38 37.84
CA GLY A 296 10.49 14.72 37.25
C GLY A 296 11.60 15.05 36.27
N ILE A 297 12.02 14.02 35.54
CA ILE A 297 13.29 14.01 34.82
C ILE A 297 13.07 13.26 33.52
N ALA A 298 13.64 13.76 32.42
CA ALA A 298 13.57 13.02 31.15
C ALA A 298 14.33 11.70 31.22
N ALA A 299 13.81 10.70 30.51
CA ALA A 299 14.56 9.50 30.26
C ALA A 299 15.85 9.86 29.50
N SER A 300 16.90 9.09 29.74
CA SER A 300 18.24 9.41 29.20
C SER A 300 18.94 8.12 28.77
N GLN A 301 19.87 8.25 27.85
CA GLN A 301 20.64 7.08 27.41
C GLN A 301 21.20 6.35 28.63
N ARG A 302 21.77 7.12 29.55
CA ARG A 302 22.40 6.56 30.72
C ARG A 302 21.41 5.75 31.54
N CYS A 303 20.21 6.24 31.78
CA CYS A 303 19.25 5.38 32.48
C CYS A 303 19.00 4.05 31.75
N LEU A 304 18.87 4.09 30.42
CA LEU A 304 18.61 2.88 29.61
C LEU A 304 19.75 1.93 29.72
N LEU A 305 20.94 2.46 29.63
CA LEU A 305 22.13 1.64 29.70
C LEU A 305 22.22 0.79 30.96
N GLU A 306 21.92 1.38 32.13
CA GLU A 306 22.00 0.68 33.42
C GLU A 306 21.27 -0.62 33.23
N ILE A 307 20.04 -0.50 32.72
CA ILE A 307 19.17 -1.65 32.54
C ILE A 307 19.60 -2.62 31.44
N LEU A 308 20.07 -2.08 30.32
CA LEU A 308 20.66 -2.95 29.30
C LEU A 308 21.80 -3.75 29.91
N ARG A 309 22.70 -3.09 30.63
CA ARG A 309 23.88 -3.83 31.14
C ARG A 309 23.46 -4.88 32.17
N THR A 310 22.41 -4.56 32.94
CA THR A 310 21.83 -5.53 33.83
C THR A 310 21.32 -6.71 33.02
N PHE A 311 20.53 -6.42 31.98
CA PHE A 311 20.05 -7.54 31.16
C PHE A 311 21.23 -8.29 30.59
N GLU A 312 22.32 -7.60 30.31
CA GLU A 312 23.48 -8.26 29.70
C GLU A 312 24.22 -9.15 30.74
N ARG A 313 24.22 -8.70 32.01
CA ARG A 313 24.83 -9.48 33.12
C ARG A 313 24.07 -10.75 33.25
N ALA A 314 22.73 -10.60 33.20
CA ALA A 314 21.81 -11.74 33.26
C ALA A 314 22.12 -12.91 32.28
N HIS A 315 22.63 -12.61 31.10
CA HIS A 315 23.08 -13.67 30.19
C HIS A 315 24.26 -14.40 30.73
N GLN A 316 25.18 -13.62 31.27
CA GLN A 316 26.37 -14.19 31.86
C GLN A 316 25.97 -15.02 33.10
N VAL A 317 25.26 -14.38 34.00
CA VAL A 317 24.72 -15.08 35.18
C VAL A 317 24.08 -16.41 34.77
N THR A 318 23.20 -16.35 33.78
CA THR A 318 22.41 -17.50 33.38
C THR A 318 23.24 -18.61 32.78
N TYR A 319 24.07 -18.29 31.81
CA TYR A 319 24.85 -19.32 31.12
C TYR A 319 26.09 -19.78 31.93
N SER A 320 26.28 -19.27 33.17
CA SER A 320 27.28 -19.80 34.09
C SER A 320 26.88 -21.20 34.47
N GLN A 321 25.57 -21.44 34.55
CA GLN A 321 25.05 -22.78 34.79
C GLN A 321 25.06 -23.67 33.56
N SER A 322 25.86 -23.38 32.53
CA SER A 322 25.77 -24.21 31.31
C SER A 322 25.76 -25.74 31.56
N PRO A 323 26.73 -26.25 32.32
CA PRO A 323 26.86 -27.70 32.43
C PRO A 323 25.60 -28.42 32.93
N LYS A 324 24.95 -27.83 33.93
CA LYS A 324 23.71 -28.41 34.49
C LYS A 324 22.68 -28.37 33.38
N ILE A 325 22.47 -27.17 32.83
CA ILE A 325 21.67 -26.97 31.64
C ILE A 325 21.90 -28.05 30.57
N ALA A 326 23.15 -28.33 30.18
CA ALA A 326 23.40 -29.44 29.26
C ALA A 326 22.80 -30.78 29.72
N THR A 327 22.85 -31.06 31.02
CA THR A 327 22.32 -32.30 31.62
C THR A 327 20.77 -32.34 31.62
N LEU A 328 20.13 -31.23 31.94
CA LEU A 328 18.66 -31.18 31.90
C LEU A 328 18.24 -31.41 30.46
N MET A 329 19.01 -30.86 29.53
CA MET A 329 18.81 -31.15 28.13
C MET A 329 18.78 -32.66 27.96
N LYS A 330 19.88 -33.34 28.29
CA LYS A 330 19.97 -34.80 28.11
C LYS A 330 18.79 -35.54 28.72
N SER A 331 18.36 -35.16 29.93
CA SER A 331 17.20 -35.85 30.56
C SER A 331 15.82 -35.54 29.88
N VAL A 332 15.72 -34.41 29.19
CA VAL A 332 14.56 -34.08 28.38
C VAL A 332 14.59 -34.83 27.04
N SER A 333 15.78 -34.88 26.43
CA SER A 333 15.95 -35.53 25.17
C SER A 333 15.66 -37.00 25.31
N THR A 334 16.41 -37.62 26.22
CA THR A 334 16.20 -39.02 26.65
C THR A 334 14.73 -39.40 26.82
N SER A 335 14.05 -38.75 27.76
CA SER A 335 12.67 -39.03 28.04
C SER A 335 11.79 -38.98 26.79
N LEU A 336 12.11 -38.08 25.85
CA LEU A 336 11.38 -37.98 24.58
C LEU A 336 11.78 -39.03 23.62
N GLU A 337 13.07 -39.38 23.58
CA GLU A 337 13.56 -40.51 22.77
C GLU A 337 12.80 -41.81 23.11
N LYS A 338 12.40 -41.98 24.37
CA LYS A 338 11.72 -43.20 24.81
C LYS A 338 10.21 -43.07 24.70
N LYS A 339 9.72 -42.05 24.02
CA LYS A 339 8.29 -41.77 23.96
C LYS A 339 7.73 -41.42 25.34
N GLY A 340 8.55 -40.78 26.15
CA GLY A 340 8.06 -40.18 27.39
C GLY A 340 7.52 -38.75 27.23
N HIS A 341 7.18 -38.14 28.37
CA HIS A 341 6.65 -36.79 28.41
C HIS A 341 7.51 -35.95 29.37
N VAL A 342 7.35 -34.64 29.31
CA VAL A 342 8.19 -33.72 30.05
C VAL A 342 7.32 -32.61 30.57
N TYR A 343 7.47 -32.34 31.85
CA TYR A 343 6.54 -31.43 32.51
C TYR A 343 7.31 -30.24 33.06
N LEU A 344 6.70 -29.06 32.96
CA LEU A 344 7.39 -27.83 33.30
C LEU A 344 6.54 -27.13 34.34
N VAL A 345 7.01 -27.16 35.58
CA VAL A 345 6.12 -26.72 36.63
C VAL A 345 6.70 -25.51 37.33
N GLY A 346 5.99 -24.40 37.22
CA GLY A 346 6.50 -23.16 37.70
C GLY A 346 5.41 -22.32 38.32
N TRP A 347 5.84 -21.30 39.04
CA TRP A 347 4.91 -20.48 39.79
C TRP A 347 4.91 -19.07 39.22
N GLN A 348 3.83 -18.35 39.46
CA GLN A 348 3.63 -16.99 38.97
C GLN A 348 4.08 -16.88 37.50
N THR A 349 4.68 -15.77 37.11
CA THR A 349 5.06 -15.54 35.72
C THR A 349 5.97 -16.61 35.14
N LEU A 350 6.79 -17.25 35.92
CA LEU A 350 7.62 -18.28 35.33
C LEU A 350 6.81 -19.52 34.97
N GLY A 351 5.67 -19.70 35.63
CA GLY A 351 4.75 -20.77 35.22
C GLY A 351 4.34 -20.54 33.76
N ILE A 352 3.95 -19.29 33.49
CA ILE A 352 3.42 -18.89 32.20
C ILE A 352 4.43 -19.16 31.12
N ILE A 353 5.63 -18.60 31.32
CA ILE A 353 6.77 -18.79 30.42
C ILE A 353 7.03 -20.25 30.12
N ALA A 354 6.73 -21.13 31.07
CA ALA A 354 6.96 -22.58 30.86
C ALA A 354 5.94 -23.13 29.85
N ILE A 355 4.69 -22.70 30.02
CA ILE A 355 3.61 -23.09 29.15
C ILE A 355 3.91 -22.61 27.74
N MET A 356 4.26 -21.34 27.65
CA MET A 356 4.61 -20.73 26.40
C MET A 356 5.72 -21.50 25.77
N ASP A 357 6.68 -21.95 26.56
CA ASP A 357 7.76 -22.70 25.91
C ASP A 357 7.25 -24.02 25.29
N GLY A 358 6.38 -24.70 26.01
CA GLY A 358 5.92 -26.03 25.62
C GLY A 358 5.00 -25.99 24.42
N VAL A 359 4.04 -25.09 24.46
CA VAL A 359 3.19 -24.81 23.33
C VAL A 359 3.97 -24.55 22.00
N GLU A 360 5.13 -23.90 22.11
CA GLU A 360 5.90 -23.48 20.96
C GLU A 360 6.59 -24.67 20.35
N CYS A 361 6.83 -25.69 21.16
CA CYS A 361 7.43 -26.93 20.64
C CYS A 361 6.52 -27.66 19.64
N ILE A 362 5.22 -27.35 19.68
CA ILE A 362 4.26 -28.02 18.79
C ILE A 362 4.51 -27.61 17.34
N HIS A 363 4.51 -26.29 17.06
CA HIS A 363 4.78 -25.84 15.68
C HIS A 363 6.27 -25.86 15.39
N THR A 364 7.09 -25.41 16.31
CA THR A 364 8.53 -25.45 16.03
C THR A 364 9.10 -26.85 15.74
N PHE A 365 8.53 -27.93 16.28
CA PHE A 365 9.12 -29.27 16.11
C PHE A 365 8.20 -30.44 15.64
N GLY A 366 6.94 -30.11 15.40
CA GLY A 366 5.97 -31.10 15.01
C GLY A 366 5.61 -31.91 16.23
N ALA A 367 5.82 -31.34 17.41
CA ALA A 367 5.74 -32.08 18.65
C ALA A 367 4.31 -32.00 19.18
N ASP A 368 3.84 -33.11 19.73
CA ASP A 368 2.49 -33.24 20.30
C ASP A 368 2.38 -32.43 21.60
N PHE A 369 1.21 -31.88 21.94
CA PHE A 369 1.05 -31.05 23.17
C PHE A 369 1.52 -31.67 24.50
N ARG A 370 1.53 -32.99 24.56
CA ARG A 370 1.98 -33.69 25.77
C ARG A 370 3.52 -33.82 25.80
N ASP A 371 4.18 -33.51 24.68
CA ASP A 371 5.60 -33.80 24.56
C ASP A 371 6.43 -33.03 25.58
N VAL A 372 6.08 -31.76 25.73
CA VAL A 372 6.78 -30.83 26.60
C VAL A 372 5.71 -29.83 26.96
N ARG A 373 5.14 -29.95 28.15
CA ARG A 373 3.95 -29.20 28.50
C ARG A 373 4.21 -28.34 29.73
N GLY A 374 3.65 -27.15 29.74
CA GLY A 374 3.88 -26.22 30.83
C GLY A 374 2.71 -26.23 31.77
N PHE A 375 2.95 -25.75 32.99
CA PHE A 375 2.00 -25.86 34.07
C PHE A 375 2.25 -24.71 35.03
N LEU A 376 1.18 -24.09 35.50
CA LEU A 376 1.24 -22.97 36.45
C LEU A 376 0.40 -23.18 37.74
N ILE A 377 1.03 -23.02 38.90
CA ILE A 377 0.34 -23.08 40.18
C ILE A 377 0.10 -21.69 40.75
N PHE A 397 -3.78 -26.15 31.72
CA PHE A 397 -2.55 -25.31 31.91
C PHE A 397 -2.39 -24.65 33.31
N THR A 398 -3.48 -24.15 33.88
CA THR A 398 -3.40 -23.48 35.19
C THR A 398 -4.03 -24.35 36.33
N PHE A 399 -3.26 -25.31 36.88
CA PHE A 399 -3.81 -26.22 37.88
C PHE A 399 -3.25 -26.00 39.29
N SER A 400 -4.14 -25.75 40.25
CA SER A 400 -3.77 -25.51 41.66
C SER A 400 -3.18 -26.75 42.36
N GLN A 401 -2.74 -26.59 43.62
CA GLN A 401 -1.96 -27.62 44.31
C GLN A 401 -2.62 -28.99 44.31
N GLU A 402 -3.81 -29.07 44.91
CA GLU A 402 -4.56 -30.33 44.98
C GLU A 402 -5.02 -30.74 43.57
N ASP A 403 -5.52 -29.79 42.77
CA ASP A 403 -5.95 -30.07 41.39
C ASP A 403 -4.86 -30.80 40.58
N PHE A 404 -3.64 -30.28 40.63
CA PHE A 404 -2.53 -30.93 39.91
C PHE A 404 -2.22 -32.30 40.53
N LEU A 405 -2.32 -32.39 41.86
CA LEU A 405 -2.05 -33.63 42.59
C LEU A 405 -3.01 -34.75 42.21
N THR A 406 -4.30 -34.42 42.07
CA THR A 406 -5.31 -35.43 41.77
C THR A 406 -5.21 -35.91 40.29
N SER A 407 -5.23 -34.96 39.35
CA SER A 407 -5.38 -35.28 37.93
C SER A 407 -4.09 -35.64 37.20
N ILE A 408 -3.03 -34.85 37.38
CA ILE A 408 -1.81 -35.01 36.58
C ILE A 408 -0.81 -35.98 37.21
N LEU A 409 -0.67 -35.90 38.54
CA LEU A 409 0.22 -36.81 39.30
C LEU A 409 0.08 -38.33 38.94
N PRO A 410 -1.16 -38.84 38.72
CA PRO A 410 -1.33 -40.23 38.32
C PRO A 410 -0.61 -40.65 37.04
N SER A 411 -0.48 -39.74 36.07
CA SER A 411 -0.02 -40.12 34.73
C SER A 411 1.51 -40.25 34.54
N LEU A 412 2.31 -40.06 35.58
CA LEU A 412 3.78 -40.06 35.43
C LEU A 412 4.38 -41.48 35.38
N THR A 413 5.70 -41.60 35.19
CA THR A 413 6.32 -42.88 34.73
C THR A 413 7.85 -42.83 34.85
N GLU A 414 8.48 -43.99 35.03
CA GLU A 414 9.96 -44.13 35.17
C GLU A 414 10.77 -43.14 34.32
N ILE A 415 10.38 -43.02 33.04
CA ILE A 415 11.18 -42.35 31.99
C ILE A 415 10.84 -40.86 31.73
N ASP A 416 9.74 -40.37 32.29
CA ASP A 416 9.37 -38.95 32.21
C ASP A 416 10.40 -38.03 32.87
N THR A 417 10.28 -36.72 32.60
CA THR A 417 11.13 -35.72 33.25
C THR A 417 10.26 -34.59 33.74
N VAL A 418 10.47 -34.16 34.98
CA VAL A 418 9.66 -33.07 35.51
C VAL A 418 10.58 -31.97 36.02
N VAL A 419 10.25 -30.74 35.64
CA VAL A 419 11.10 -29.61 35.92
C VAL A 419 10.36 -28.62 36.77
N PHE A 420 11.02 -28.18 37.83
CA PHE A 420 10.41 -27.21 38.75
C PHE A 420 11.11 -25.88 38.68
N ILE A 421 10.31 -24.83 38.72
CA ILE A 421 10.76 -23.51 38.32
C ILE A 421 10.16 -22.47 39.24
N PHE A 422 11.00 -21.85 40.06
CA PHE A 422 10.48 -20.98 41.12
C PHE A 422 11.59 -20.10 41.74
N THR A 423 11.17 -19.10 42.49
CA THR A 423 12.07 -18.31 43.30
C THR A 423 11.90 -18.73 44.76
N LEU A 424 12.79 -18.27 45.62
CA LEU A 424 12.67 -18.52 47.05
C LEU A 424 11.63 -17.64 47.67
N ASP A 425 11.19 -16.60 46.97
CA ASP A 425 10.06 -15.82 47.44
C ASP A 425 8.73 -16.46 47.06
N ASP A 426 8.76 -17.69 46.55
CA ASP A 426 7.48 -18.40 46.32
C ASP A 426 6.97 -19.10 47.60
N ASN A 427 5.73 -19.56 47.54
CA ASN A 427 5.17 -20.46 48.53
C ASN A 427 5.89 -21.84 48.43
N LEU A 428 6.97 -21.98 49.19
CA LEU A 428 7.84 -23.18 49.15
C LEU A 428 7.33 -24.42 49.91
N THR A 429 6.30 -24.25 50.74
CA THR A 429 5.53 -25.37 51.32
C THR A 429 4.68 -26.02 50.21
N GLU A 430 4.15 -25.21 49.30
CA GLU A 430 3.38 -25.73 48.16
C GLU A 430 4.34 -26.47 47.23
N VAL A 431 5.54 -25.93 47.06
CA VAL A 431 6.54 -26.49 46.17
C VAL A 431 7.04 -27.84 46.66
N GLN A 432 7.62 -27.85 47.85
CA GLN A 432 8.19 -29.07 48.41
C GLN A 432 7.17 -30.22 48.43
N THR A 433 5.92 -29.90 48.77
CA THR A 433 4.84 -30.89 48.80
C THR A 433 4.77 -31.68 47.49
N ILE A 434 4.72 -30.94 46.37
CA ILE A 434 4.46 -31.52 45.04
C ILE A 434 5.67 -32.26 44.51
N VAL A 435 6.85 -31.82 44.91
CA VAL A 435 8.08 -32.50 44.53
C VAL A 435 8.07 -33.87 45.19
N GLU A 436 7.61 -33.88 46.45
CA GLU A 436 7.55 -35.11 47.25
C GLU A 436 6.79 -36.23 46.55
N GLN A 437 5.56 -35.95 46.11
CA GLN A 437 4.77 -36.99 45.40
C GLN A 437 5.43 -37.42 44.06
N VAL A 438 5.74 -36.44 43.22
CA VAL A 438 6.41 -36.65 41.92
C VAL A 438 7.65 -37.54 41.99
N LYS A 439 8.45 -37.34 43.03
CA LYS A 439 9.74 -38.02 43.22
C LYS A 439 9.57 -39.52 43.17
N GLU A 440 8.64 -40.03 43.96
CA GLU A 440 8.35 -41.48 44.00
C GLU A 440 8.05 -42.01 42.62
N LYS A 441 7.26 -41.26 41.85
CA LYS A 441 6.88 -41.66 40.48
C LYS A 441 7.92 -41.37 39.40
N THR A 442 8.82 -40.40 39.59
CA THR A 442 9.89 -40.21 38.58
C THR A 442 11.31 -40.59 38.99
N ASN A 443 12.00 -39.71 39.70
CA ASN A 443 13.48 -39.70 39.84
C ASN A 443 14.22 -38.77 38.83
N HIS A 444 13.75 -38.67 37.58
CA HIS A 444 14.27 -37.65 36.66
C HIS A 444 13.58 -36.32 36.95
N ILE A 445 13.95 -35.70 38.07
CA ILE A 445 13.43 -34.37 38.39
C ILE A 445 14.63 -33.44 38.59
N GLN A 446 14.56 -32.24 38.04
CA GLN A 446 15.64 -31.28 38.19
C GLN A 446 14.89 -29.99 38.49
N ALA A 447 15.60 -28.92 38.81
CA ALA A 447 14.92 -27.67 39.13
C ALA A 447 15.75 -26.44 38.82
N LEU A 448 15.03 -25.31 38.78
CA LEU A 448 15.56 -24.01 38.38
C LEU A 448 15.09 -22.96 39.37
N ALA A 449 16.03 -22.50 40.20
CA ALA A 449 15.69 -21.74 41.40
C ALA A 449 16.38 -20.40 41.45
N HIS A 450 15.56 -19.36 41.48
CA HIS A 450 16.04 -18.01 41.48
C HIS A 450 16.02 -17.47 42.91
N SER A 451 17.13 -16.86 43.30
CA SER A 451 17.32 -16.36 44.66
C SER A 451 18.21 -15.14 44.59
N THR A 452 17.89 -14.14 45.41
CA THR A 452 18.90 -13.20 45.86
C THR A 452 19.93 -13.96 46.70
N VAL A 453 21.22 -13.62 46.55
CA VAL A 453 22.32 -14.16 47.41
C VAL A 453 21.97 -14.10 48.91
N GLY A 454 22.19 -15.21 49.62
CA GLY A 454 21.96 -15.25 51.06
C GLY A 454 20.54 -15.59 51.50
N GLN A 455 19.70 -16.02 50.56
CA GLN A 455 18.49 -16.74 50.90
C GLN A 455 19.00 -18.16 50.82
N THR A 456 18.42 -19.06 51.63
CA THR A 456 18.89 -20.45 51.67
C THR A 456 17.77 -21.38 51.28
N LEU A 457 18.15 -22.52 50.73
CA LEU A 457 17.21 -23.59 50.38
C LEU A 457 16.68 -24.34 51.61
N PRO A 458 15.42 -24.08 52.04
CA PRO A 458 14.79 -24.89 53.10
C PRO A 458 14.95 -26.39 52.88
N ILE A 459 15.02 -27.15 53.98
CA ILE A 459 15.48 -28.55 53.97
C ILE A 459 16.95 -28.59 53.42
N PRO A 460 17.97 -28.76 54.30
CA PRO A 460 19.31 -29.14 53.77
C PRO A 460 19.28 -30.48 52.97
N LEU A 461 18.25 -31.28 53.29
CA LEU A 461 17.68 -32.37 52.45
C LEU A 461 16.64 -31.82 51.43
N LYS A 462 16.82 -30.58 50.98
CA LYS A 462 16.11 -30.08 49.81
C LYS A 462 16.78 -30.71 48.63
N LYS A 463 17.96 -31.27 48.87
CA LYS A 463 18.50 -32.41 48.13
C LYS A 463 17.48 -33.57 47.96
N LEU A 464 16.24 -33.23 47.61
CA LEU A 464 15.41 -34.03 46.67
C LEU A 464 15.92 -33.64 45.27
N PHE A 465 16.58 -32.48 45.19
CA PHE A 465 17.40 -32.10 44.05
C PHE A 465 18.88 -32.19 44.43
N PRO A 466 19.52 -33.34 44.08
CA PRO A 466 20.98 -33.43 44.14
C PRO A 466 21.66 -32.11 43.70
N SER A 467 21.91 -31.87 42.41
CA SER A 467 22.60 -30.62 41.98
C SER A 467 21.73 -29.74 41.08
N ILE A 468 20.77 -29.08 41.74
CA ILE A 468 20.02 -27.96 41.21
C ILE A 468 20.72 -27.07 40.17
N ILE A 469 19.89 -26.25 39.52
CA ILE A 469 20.31 -25.06 38.82
C ILE A 469 19.92 -23.88 39.70
N SER A 470 20.84 -23.55 40.60
CA SER A 470 20.67 -22.40 41.45
C SER A 470 21.08 -21.24 40.60
N ILE A 471 20.18 -20.26 40.52
CA ILE A 471 20.57 -18.99 39.93
C ILE A 471 20.40 -17.87 40.93
N THR A 472 21.55 -17.33 41.27
CA THR A 472 21.64 -16.47 42.41
C THR A 472 22.00 -15.08 41.89
N TRP A 473 21.20 -14.11 42.26
CA TRP A 473 21.23 -12.76 41.73
C TRP A 473 21.84 -11.77 42.74
N PRO A 474 22.95 -11.08 42.37
CA PRO A 474 23.36 -9.93 43.13
C PRO A 474 22.19 -9.13 43.71
N LEU A 475 22.45 -8.27 44.69
CA LEU A 475 21.45 -7.34 45.16
C LEU A 475 21.52 -6.06 44.30
N LEU A 476 20.39 -5.63 43.77
CA LEU A 476 20.34 -4.44 42.95
C LEU A 476 19.46 -3.39 43.62
N PHE A 477 19.81 -2.12 43.37
CA PHE A 477 19.11 -0.98 43.95
C PHE A 477 17.80 -0.71 43.19
N PHE A 478 16.80 -1.54 43.47
CA PHE A 478 15.44 -1.29 42.99
C PHE A 478 14.83 -0.23 43.89
N GLU A 479 13.79 0.44 43.40
CA GLU A 479 13.01 1.35 44.26
C GLU A 479 11.48 1.14 44.15
N TYR A 480 10.97 0.53 43.08
CA TYR A 480 9.56 0.22 43.01
C TYR A 480 9.18 -0.99 43.84
N GLU A 481 7.96 -0.88 44.37
CA GLU A 481 7.27 -1.92 45.16
C GLU A 481 7.58 -3.39 44.78
N GLY A 482 6.99 -3.92 43.70
CA GLY A 482 7.18 -5.33 43.28
C GLY A 482 8.55 -5.75 42.70
N ASN A 483 9.54 -4.85 42.75
CA ASN A 483 10.93 -5.08 42.27
C ASN A 483 10.97 -5.59 40.81
N PHE A 484 10.59 -4.72 39.90
CA PHE A 484 10.27 -5.14 38.55
C PHE A 484 11.51 -5.55 37.76
N ILE A 485 12.63 -4.88 37.99
CA ILE A 485 13.87 -5.30 37.38
C ILE A 485 14.25 -6.73 37.81
N GLN A 486 13.92 -7.13 39.03
CA GLN A 486 14.21 -8.52 39.46
C GLN A 486 13.30 -9.52 38.71
N LYS A 487 12.06 -9.11 38.50
CA LYS A 487 11.13 -9.94 37.77
C LYS A 487 11.71 -10.22 36.35
N PHE A 488 12.08 -9.16 35.63
CA PHE A 488 12.50 -9.27 34.22
C PHE A 488 13.74 -10.04 34.03
N GLN A 489 14.71 -9.81 34.90
CA GLN A 489 15.90 -10.65 34.92
C GLN A 489 15.55 -12.13 34.93
N ARG A 490 14.60 -12.45 35.80
CA ARG A 490 14.31 -13.86 36.13
C ARG A 490 13.54 -14.57 34.98
N GLU A 491 12.47 -13.94 34.53
CA GLU A 491 11.78 -14.36 33.34
C GLU A 491 12.78 -14.60 32.23
N LEU A 492 13.58 -13.58 31.94
CA LEU A 492 14.48 -13.68 30.79
C LEU A 492 15.37 -14.89 30.94
N SER A 493 15.84 -15.10 32.15
CA SER A 493 16.86 -16.13 32.40
C SER A 493 16.21 -17.52 32.22
N THR A 494 14.99 -17.64 32.75
CA THR A 494 14.12 -18.80 32.52
C THR A 494 13.87 -19.06 31.02
N LYS A 495 13.39 -18.02 30.32
CA LYS A 495 13.17 -18.13 28.87
C LYS A 495 14.41 -18.67 28.22
N TRP A 496 15.58 -18.09 28.49
CA TRP A 496 16.80 -18.66 27.88
C TRP A 496 17.00 -20.10 28.21
N VAL A 497 16.68 -20.48 29.45
CA VAL A 497 16.99 -21.86 29.86
C VAL A 497 15.99 -22.78 29.20
N LEU A 498 14.73 -22.50 29.44
CA LEU A 498 13.70 -23.28 28.79
C LEU A 498 13.93 -23.38 27.25
N ASN A 499 14.01 -22.24 26.54
CA ASN A 499 14.32 -22.22 25.09
C ASN A 499 15.48 -23.14 24.71
N THR A 500 16.60 -23.01 25.41
CA THR A 500 17.83 -23.73 25.06
C THR A 500 17.66 -25.21 25.27
N VAL A 501 16.89 -25.54 26.28
CA VAL A 501 16.61 -26.93 26.68
C VAL A 501 15.66 -27.58 25.67
N SER A 502 14.50 -26.96 25.51
CA SER A 502 13.49 -27.49 24.61
C SER A 502 14.05 -27.63 23.20
N THR A 503 14.76 -26.61 22.74
CA THR A 503 15.33 -26.66 21.37
C THR A 503 16.42 -27.71 21.30
N GLY A 504 17.28 -27.72 22.32
CA GLY A 504 18.38 -28.63 22.37
C GLY A 504 17.91 -30.08 22.34
N ALA A 505 16.93 -30.42 23.16
CA ALA A 505 16.47 -31.84 23.23
C ALA A 505 16.13 -32.35 21.82
N HIS A 506 15.42 -31.53 21.05
CA HIS A 506 14.97 -31.95 19.71
C HIS A 506 16.14 -32.06 18.74
N VAL A 507 17.16 -31.22 18.91
CA VAL A 507 18.29 -31.34 18.00
C VAL A 507 18.96 -32.70 18.21
N LEU A 508 19.12 -33.06 19.47
CA LEU A 508 19.74 -34.32 19.81
C LEU A 508 18.97 -35.49 19.21
N LEU A 509 17.63 -35.40 19.20
CA LEU A 509 16.78 -36.43 18.60
C LEU A 509 16.88 -36.50 17.09
N GLY A 510 17.75 -35.68 16.50
CA GLY A 510 18.05 -35.75 15.05
C GLY A 510 17.00 -35.14 14.11
N LYS A 511 15.99 -34.46 14.70
CA LYS A 511 14.90 -33.82 13.95
C LYS A 511 15.26 -32.50 13.21
N ILE A 512 16.51 -32.02 13.36
CA ILE A 512 16.96 -30.75 12.76
C ILE A 512 18.07 -31.06 11.76
N LEU A 513 18.05 -30.34 10.63
CA LEU A 513 18.98 -30.53 9.52
C LEU A 513 19.95 -29.34 9.33
N GLN A 514 21.23 -29.64 9.52
CA GLN A 514 22.25 -28.67 9.79
C GLN A 514 21.78 -27.70 10.90
N ASN A 515 21.29 -26.53 10.54
CA ASN A 515 20.57 -25.67 11.48
C ASN A 515 19.25 -25.15 10.92
N HIS A 516 18.49 -26.07 10.35
CA HIS A 516 17.18 -25.79 9.80
C HIS A 516 16.19 -26.85 10.28
N MET A 517 14.96 -26.44 10.54
CA MET A 517 13.85 -27.37 10.71
C MET A 517 13.22 -27.56 9.35
N LEU A 518 13.68 -28.58 8.64
CA LEU A 518 13.17 -28.90 7.32
C LEU A 518 11.73 -29.32 7.33
N ASP A 519 11.38 -30.20 8.25
CA ASP A 519 10.09 -30.87 8.21
C ASP A 519 9.06 -30.14 9.03
N LEU A 520 8.80 -28.91 8.69
CA LEU A 520 7.78 -28.14 9.41
C LEU A 520 6.48 -28.16 8.69
N ARG A 521 5.46 -27.71 9.41
CA ARG A 521 4.11 -27.71 8.96
C ARG A 521 3.81 -26.33 8.43
N ILE A 522 3.41 -26.25 7.16
CA ILE A 522 3.13 -24.94 6.60
C ILE A 522 1.77 -24.40 7.06
N SER A 523 1.78 -23.50 8.03
CA SER A 523 0.53 -23.02 8.59
C SER A 523 0.30 -21.52 8.44
N ASN A 524 1.23 -20.85 7.79
CA ASN A 524 1.04 -19.44 7.40
C ASN A 524 1.95 -19.17 6.22
N SER A 525 1.86 -17.98 5.67
CA SER A 525 2.53 -17.63 4.45
C SER A 525 4.03 -17.53 4.62
N LYS A 526 4.47 -16.87 5.69
CA LYS A 526 5.89 -16.91 6.08
C LYS A 526 6.52 -18.30 6.05
N LEU A 527 5.81 -19.31 6.52
CA LEU A 527 6.35 -20.63 6.65
C LEU A 527 6.38 -21.30 5.26
N PHE A 528 5.43 -20.91 4.43
CA PHE A 528 5.44 -21.29 3.05
C PHE A 528 6.71 -20.74 2.37
N TRP A 529 6.99 -19.44 2.54
CA TRP A 529 8.25 -18.91 1.95
C TRP A 529 9.45 -19.61 2.49
N ARG A 530 9.47 -19.90 3.81
CA ARG A 530 10.60 -20.61 4.41
C ARG A 530 10.76 -22.00 3.80
N ALA A 531 9.66 -22.67 3.54
CA ALA A 531 9.75 -23.98 2.91
C ALA A 531 10.40 -23.86 1.58
N LEU A 532 9.93 -22.89 0.81
CA LEU A 532 10.38 -22.78 -0.55
C LEU A 532 11.87 -22.51 -0.56
N ALA A 533 12.30 -21.53 0.21
CA ALA A 533 13.72 -21.25 0.42
C ALA A 533 14.55 -22.48 0.80
N MET A 534 14.01 -23.31 1.68
CA MET A 534 14.76 -24.49 2.08
C MET A 534 14.88 -25.47 0.94
N LEU A 535 13.82 -25.61 0.14
CA LEU A 535 13.93 -26.47 -1.04
C LEU A 535 15.04 -25.95 -1.97
N GLN A 536 15.04 -24.64 -2.27
CA GLN A 536 16.11 -24.09 -3.12
C GLN A 536 17.46 -24.45 -2.51
N ARG A 537 17.65 -24.12 -1.24
CA ARG A 537 18.94 -24.28 -0.60
C ARG A 537 19.46 -25.72 -0.61
N PHE A 538 18.64 -26.68 -0.23
CA PHE A 538 19.08 -28.06 -0.16
C PHE A 538 19.18 -28.76 -1.50
N SER A 539 18.31 -28.44 -2.45
CA SER A 539 18.34 -29.10 -3.77
C SER A 539 19.38 -28.49 -4.70
N GLY A 540 19.56 -27.19 -4.59
CA GLY A 540 20.40 -26.44 -5.51
C GLY A 540 19.74 -26.22 -6.86
N GLN A 541 18.44 -26.51 -6.98
CA GLN A 541 17.77 -26.48 -8.28
C GLN A 541 16.95 -25.21 -8.39
N SER A 542 16.32 -25.02 -9.55
CA SER A 542 15.84 -23.70 -9.90
C SER A 542 14.63 -23.31 -9.03
N LYS A 543 14.34 -22.03 -9.00
CA LYS A 543 13.15 -21.49 -8.40
C LYS A 543 11.93 -22.23 -8.88
N ALA A 544 11.75 -22.23 -10.20
CA ALA A 544 10.56 -22.82 -10.85
C ALA A 544 10.40 -24.30 -10.54
N ARG A 545 11.51 -25.02 -10.52
CA ARG A 545 11.40 -26.43 -10.17
C ARG A 545 10.98 -26.60 -8.72
N CYS A 546 11.62 -25.83 -7.84
CA CYS A 546 11.34 -25.93 -6.43
C CYS A 546 9.91 -25.57 -6.17
N ILE A 547 9.42 -24.53 -6.84
CA ILE A 547 8.03 -24.11 -6.66
C ILE A 547 7.12 -25.23 -7.09
N GLU A 548 7.43 -25.82 -8.24
CA GLU A 548 6.62 -26.92 -8.78
C GLU A 548 6.59 -28.12 -7.86
N SER A 549 7.74 -28.50 -7.34
CA SER A 549 7.74 -29.65 -6.45
C SER A 549 6.90 -29.41 -5.17
N LEU A 550 6.96 -28.20 -4.64
CA LEU A 550 6.28 -27.85 -3.43
C LEU A 550 4.79 -27.90 -3.63
N LEU A 551 4.30 -27.22 -4.66
CA LEU A 551 2.87 -27.24 -4.92
C LEU A 551 2.35 -28.64 -5.31
N ARG A 552 3.17 -29.48 -5.90
CA ARG A 552 2.70 -30.80 -6.19
C ARG A 552 2.59 -31.56 -4.88
N ALA A 553 3.61 -31.43 -4.03
CA ALA A 553 3.56 -32.06 -2.72
C ALA A 553 2.32 -31.60 -1.96
N ILE A 554 2.05 -30.30 -2.00
CA ILE A 554 0.91 -29.80 -1.26
C ILE A 554 -0.38 -30.31 -1.83
N HIS A 555 -0.55 -30.25 -3.14
CA HIS A 555 -1.87 -30.56 -3.65
C HIS A 555 -2.08 -31.98 -4.11
N PHE A 556 -1.04 -32.82 -4.13
CA PHE A 556 -1.21 -34.26 -4.42
C PHE A 556 -2.40 -34.78 -3.64
N PRO A 557 -3.23 -35.65 -4.24
CA PRO A 557 -3.29 -36.24 -5.59
C PRO A 557 -3.68 -35.30 -6.76
N GLN A 558 -4.15 -34.08 -6.50
CA GLN A 558 -4.51 -33.16 -7.60
C GLN A 558 -3.24 -32.66 -8.31
N PRO A 559 -3.18 -32.76 -9.67
CA PRO A 559 -2.06 -32.16 -10.40
C PRO A 559 -2.18 -30.66 -10.49
N LEU A 560 -1.09 -30.02 -10.86
CA LEU A 560 -1.03 -28.59 -11.12
C LEU A 560 -1.92 -28.03 -12.23
N SER A 561 -2.96 -27.30 -11.86
CA SER A 561 -3.72 -26.56 -12.81
C SER A 561 -3.23 -25.14 -12.81
N ASP A 562 -3.65 -24.38 -13.82
CA ASP A 562 -3.35 -22.96 -13.90
C ASP A 562 -4.01 -22.25 -12.71
N ASP A 563 -5.17 -22.72 -12.27
CA ASP A 563 -5.84 -22.12 -11.11
C ASP A 563 -4.95 -22.22 -9.88
N ILE A 564 -4.43 -23.43 -9.68
CA ILE A 564 -3.61 -23.75 -8.55
C ILE A 564 -2.35 -22.95 -8.64
N ARG A 565 -1.71 -22.88 -9.80
CA ARG A 565 -0.43 -22.16 -9.88
C ARG A 565 -0.59 -20.68 -9.50
N ALA A 566 -1.79 -20.16 -9.76
CA ALA A 566 -2.07 -18.75 -9.65
C ALA A 566 -2.78 -18.44 -8.35
N ALA A 567 -3.03 -19.46 -7.55
CA ALA A 567 -3.85 -19.27 -6.35
C ALA A 567 -3.16 -18.32 -5.33
N PRO A 568 -3.92 -17.67 -4.47
CA PRO A 568 -3.26 -16.99 -3.38
C PRO A 568 -2.52 -17.97 -2.46
N ILE A 569 -1.40 -17.54 -1.94
CA ILE A 569 -0.63 -18.45 -1.09
C ILE A 569 -1.48 -19.06 0.06
N SER A 570 -2.49 -18.32 0.51
CA SER A 570 -3.36 -18.83 1.59
C SER A 570 -4.01 -20.17 1.20
N CYS A 571 -4.40 -20.28 -0.08
CA CYS A 571 -4.95 -21.54 -0.58
C CYS A 571 -3.91 -22.65 -0.39
N HIS A 572 -2.66 -22.42 -0.72
CA HIS A 572 -1.68 -23.51 -0.47
C HIS A 572 -1.49 -23.81 1.00
N VAL A 573 -1.48 -22.77 1.82
CA VAL A 573 -1.36 -22.98 3.25
C VAL A 573 -2.51 -23.86 3.80
N GLN A 574 -3.73 -23.55 3.43
CA GLN A 574 -4.86 -24.24 4.02
C GLN A 574 -4.76 -25.75 3.76
N VAL A 575 -4.28 -26.10 2.57
CA VAL A 575 -4.10 -27.52 2.22
C VAL A 575 -2.91 -28.13 2.93
N ALA A 576 -1.77 -27.43 2.91
CA ALA A 576 -0.52 -27.95 3.53
C ALA A 576 -0.63 -28.12 5.04
N HIS A 577 -1.35 -27.22 5.69
CA HIS A 577 -1.46 -27.23 7.13
C HIS A 577 -1.89 -28.58 7.61
N GLU A 578 -2.73 -29.26 6.83
CA GLU A 578 -3.30 -30.57 7.19
C GLU A 578 -2.48 -31.79 6.81
N LYS A 579 -1.31 -31.64 6.22
CA LYS A 579 -0.60 -32.82 5.75
C LYS A 579 0.70 -32.99 6.53
N GLU A 580 1.33 -34.14 6.35
CA GLU A 580 2.54 -34.52 7.03
C GLU A 580 3.64 -34.58 6.01
N GLN A 581 4.86 -34.31 6.41
CA GLN A 581 6.03 -34.51 5.53
C GLN A 581 6.02 -33.80 4.17
N VAL A 582 5.12 -32.85 3.99
CA VAL A 582 5.08 -32.07 2.78
C VAL A 582 6.49 -31.66 2.33
N ILE A 583 7.27 -31.03 3.19
CA ILE A 583 8.56 -30.55 2.68
C ILE A 583 9.54 -31.64 2.31
N PRO A 584 9.73 -32.62 3.17
CA PRO A 584 10.63 -33.68 2.70
C PRO A 584 10.15 -34.42 1.40
N ILE A 585 8.86 -34.68 1.31
CA ILE A 585 8.37 -35.32 0.08
C ILE A 585 8.78 -34.47 -1.09
N ALA A 586 8.67 -33.16 -0.95
CA ALA A 586 9.02 -32.23 -2.03
C ALA A 586 10.51 -32.21 -2.32
N LEU A 587 11.31 -32.26 -1.28
CA LEU A 587 12.72 -32.32 -1.50
C LEU A 587 13.10 -33.65 -2.16
N LEU A 588 12.45 -34.76 -1.78
CA LEU A 588 12.85 -36.04 -2.33
C LEU A 588 12.53 -36.05 -3.82
N SER A 589 11.31 -35.66 -4.18
CA SER A 589 10.95 -35.53 -5.60
C SER A 589 11.99 -34.74 -6.40
N LEU A 590 12.61 -33.74 -5.79
CA LEU A 590 13.60 -32.91 -6.49
C LEU A 590 14.91 -33.61 -6.63
N LEU A 591 15.37 -34.23 -5.55
CA LEU A 591 16.70 -34.85 -5.55
C LEU A 591 16.72 -36.07 -6.45
N PHE A 592 15.71 -36.93 -6.33
CA PHE A 592 15.56 -38.09 -7.18
C PHE A 592 14.97 -37.77 -8.59
N ARG A 593 14.76 -36.49 -8.87
CA ARG A 593 14.10 -36.04 -10.09
C ARG A 593 12.96 -36.94 -10.42
N CYS A 594 12.07 -37.14 -9.45
CA CYS A 594 10.98 -38.11 -9.59
C CYS A 594 9.62 -37.53 -9.25
N SER A 595 8.58 -38.32 -9.44
CA SER A 595 7.22 -37.91 -9.15
C SER A 595 6.94 -37.91 -7.66
N ILE A 596 5.82 -37.30 -7.29
CA ILE A 596 5.36 -37.31 -5.94
C ILE A 596 5.03 -38.74 -5.56
N THR A 597 4.39 -39.47 -6.47
CA THR A 597 4.00 -40.85 -6.21
C THR A 597 5.26 -41.62 -5.87
N GLU A 598 6.32 -41.37 -6.63
CA GLU A 598 7.53 -42.13 -6.47
C GLU A 598 8.24 -41.75 -5.18
N ALA A 599 8.15 -40.48 -4.80
CA ALA A 599 8.85 -39.97 -3.64
C ALA A 599 8.21 -40.41 -2.33
N GLN A 600 6.88 -40.44 -2.27
CA GLN A 600 6.16 -41.00 -1.12
C GLN A 600 6.50 -42.46 -0.91
N ALA A 601 6.60 -43.20 -2.00
CA ALA A 601 6.90 -44.61 -1.91
C ALA A 601 8.28 -44.76 -1.31
N HIS A 602 9.25 -43.96 -1.75
CA HIS A 602 10.60 -44.06 -1.23
C HIS A 602 10.63 -43.72 0.26
N LEU A 603 9.92 -42.69 0.63
CA LEU A 603 9.88 -42.31 2.00
C LEU A 603 9.35 -43.45 2.85
N ALA A 604 8.17 -43.94 2.53
CA ALA A 604 7.64 -45.11 3.19
C ALA A 604 8.60 -46.35 3.10
N ALA A 605 9.51 -46.40 2.14
CA ALA A 605 10.47 -47.49 2.07
C ALA A 605 11.66 -47.29 3.01
N ALA A 606 11.76 -46.13 3.67
CA ALA A 606 12.92 -45.84 4.48
C ALA A 606 12.61 -45.95 6.00
N PRO A 607 13.65 -46.19 6.81
CA PRO A 607 13.43 -46.34 8.27
C PRO A 607 12.85 -45.08 8.95
N SER A 608 13.26 -43.92 8.49
CA SER A 608 12.71 -42.68 9.03
C SER A 608 12.86 -41.54 8.03
N VAL A 609 12.00 -40.54 8.21
CA VAL A 609 12.06 -39.30 7.43
C VAL A 609 13.48 -38.72 7.41
N CYS A 610 14.10 -38.63 8.58
CA CYS A 610 15.43 -38.06 8.74
C CYS A 610 16.44 -38.83 7.92
N GLU A 611 16.33 -40.16 7.94
CA GLU A 611 17.28 -41.03 7.27
C GLU A 611 17.06 -41.04 5.78
N ALA A 612 15.79 -41.08 5.38
CA ALA A 612 15.41 -40.90 3.95
C ALA A 612 16.00 -39.64 3.34
N VAL A 613 15.78 -38.53 4.02
CA VAL A 613 16.32 -37.25 3.58
C VAL A 613 17.82 -37.21 3.65
N ARG A 614 18.39 -37.49 4.81
CA ARG A 614 19.83 -37.38 4.97
C ARG A 614 20.62 -38.17 3.93
N SER A 615 20.16 -39.38 3.64
CA SER A 615 20.83 -40.26 2.67
C SER A 615 20.55 -39.79 1.26
N ALA A 616 19.35 -39.27 1.01
CA ALA A 616 19.09 -38.65 -0.28
C ALA A 616 20.01 -37.45 -0.55
N LEU A 617 20.26 -36.64 0.47
CA LEU A 617 21.24 -35.59 0.28
C LEU A 617 22.62 -36.12 -0.12
N ALA A 618 22.92 -37.40 0.08
CA ALA A 618 24.13 -38.03 -0.48
C ALA A 618 23.85 -39.03 -1.61
N MET B 13 22.22 7.88 -2.14
CA MET B 13 22.44 9.31 -1.79
C MET B 13 21.18 9.75 -1.01
N PRO B 14 20.93 11.08 -0.89
CA PRO B 14 19.57 11.51 -0.53
C PRO B 14 18.79 11.88 -1.80
N GLY B 15 17.52 11.49 -1.87
CA GLY B 15 16.70 11.65 -3.08
C GLY B 15 16.42 10.35 -3.79
N THR B 16 17.33 9.38 -3.69
CA THR B 16 17.22 8.12 -4.44
C THR B 16 15.89 7.39 -4.34
N LYS B 17 15.35 7.22 -3.13
CA LYS B 17 14.03 6.61 -3.01
C LYS B 17 12.96 7.44 -3.77
N ARG B 18 13.00 8.77 -3.61
CA ARG B 18 11.93 9.60 -4.19
C ARG B 18 11.93 9.54 -5.72
N PHE B 19 13.07 9.19 -6.33
CA PHE B 19 13.25 9.25 -7.78
C PHE B 19 13.46 7.93 -8.46
N GLN B 20 13.28 6.86 -7.68
CA GLN B 20 13.64 5.52 -8.03
C GLN B 20 12.86 4.92 -9.15
N HIS B 21 11.57 5.13 -9.16
CA HIS B 21 10.76 4.65 -10.29
C HIS B 21 11.13 5.25 -11.64
N VAL B 22 11.99 6.26 -11.67
CA VAL B 22 12.21 6.99 -12.89
C VAL B 22 13.27 6.26 -13.69
N ILE B 23 12.91 5.70 -14.83
CA ILE B 23 13.87 5.06 -15.72
C ILE B 23 14.84 6.06 -16.36
N GLU B 24 16.04 5.55 -16.62
CA GLU B 24 17.15 6.37 -17.08
C GLU B 24 16.97 6.82 -18.54
N THR B 25 17.50 7.98 -18.87
CA THR B 25 17.30 8.52 -20.19
C THR B 25 18.03 7.65 -21.20
N PRO B 26 17.32 7.12 -22.20
CA PRO B 26 17.90 6.29 -23.27
C PRO B 26 18.97 7.03 -24.06
N GLU B 27 19.71 6.32 -24.90
CA GLU B 27 20.78 7.01 -25.62
C GLU B 27 20.30 7.38 -27.01
N PRO B 28 20.91 8.42 -27.61
CA PRO B 28 20.40 8.93 -28.88
C PRO B 28 20.16 7.80 -29.87
N GLY B 29 18.95 7.73 -30.44
CA GLY B 29 18.59 6.65 -31.35
C GLY B 29 18.13 5.36 -30.70
N LYS B 30 18.43 5.17 -29.43
CA LYS B 30 18.02 3.96 -28.75
C LYS B 30 16.69 4.16 -27.97
N TRP B 31 16.03 5.31 -28.19
CA TRP B 31 14.73 5.61 -27.51
C TRP B 31 13.65 4.64 -27.97
N GLU B 32 13.50 4.48 -29.28
CA GLU B 32 12.29 3.86 -29.83
C GLU B 32 12.11 2.37 -29.47
N LEU B 33 13.13 1.70 -28.95
CA LEU B 33 12.94 0.30 -28.56
C LEU B 33 13.18 0.08 -27.07
N SER B 34 13.22 1.15 -26.28
CA SER B 34 13.81 1.07 -24.94
C SER B 34 12.88 0.66 -23.84
N GLY B 35 13.47 0.20 -22.75
CA GLY B 35 12.73 0.01 -21.51
C GLY B 35 11.97 1.28 -21.19
N TYR B 36 12.57 2.42 -21.48
CA TYR B 36 11.99 3.71 -21.16
C TYR B 36 10.62 3.90 -21.83
N GLU B 37 10.56 3.75 -23.15
CA GLU B 37 9.28 3.88 -23.90
C GLU B 37 8.23 2.87 -23.59
N ALA B 38 8.67 1.65 -23.31
CA ALA B 38 7.78 0.55 -22.92
C ALA B 38 7.10 0.90 -21.61
N ALA B 39 7.80 1.60 -20.76
CA ALA B 39 7.26 1.98 -19.47
C ALA B 39 6.46 3.29 -19.48
N VAL B 40 6.44 3.99 -20.60
CA VAL B 40 5.67 5.23 -20.63
C VAL B 40 4.24 4.83 -20.81
N PRO B 41 3.38 5.24 -19.86
CA PRO B 41 1.95 4.96 -19.94
C PRO B 41 1.33 5.52 -21.20
N ILE B 42 0.33 4.82 -21.70
CA ILE B 42 -0.33 5.24 -22.93
C ILE B 42 -0.76 6.68 -22.74
N THR B 43 -1.36 6.99 -21.61
CA THR B 43 -1.90 8.34 -21.41
C THR B 43 -0.81 9.39 -21.54
N GLU B 44 0.44 9.02 -21.27
CA GLU B 44 1.53 9.98 -21.36
C GLU B 44 2.35 9.94 -22.65
N LYS B 45 2.15 8.93 -23.46
CA LYS B 45 2.96 8.83 -24.66
C LYS B 45 2.67 10.00 -25.55
N SER B 46 3.58 10.25 -26.47
CA SER B 46 3.38 11.18 -27.56
C SER B 46 2.56 10.40 -28.60
N ASN B 47 1.53 11.01 -29.15
CA ASN B 47 0.78 10.40 -30.23
C ASN B 47 1.53 10.53 -31.56
N PRO B 48 1.91 9.42 -32.15
CA PRO B 48 2.68 9.65 -33.39
C PRO B 48 1.93 10.51 -34.42
N LEU B 49 0.61 10.45 -34.46
CA LEU B 49 -0.13 11.28 -35.41
C LEU B 49 0.17 12.77 -35.31
N THR B 50 0.59 13.24 -34.14
CA THR B 50 0.64 14.67 -33.89
C THR B 50 2.05 15.18 -33.66
N GLN B 51 3.04 14.38 -34.05
CA GLN B 51 4.44 14.76 -33.89
C GLN B 51 4.77 16.13 -34.45
N ASP B 52 4.14 16.49 -35.57
CA ASP B 52 4.39 17.79 -36.15
C ASP B 52 3.18 18.67 -36.01
N LEU B 53 2.52 18.60 -34.87
CA LEU B 53 1.32 19.39 -34.67
C LEU B 53 1.64 20.87 -34.59
N ASP B 54 2.77 21.22 -33.97
CA ASP B 54 3.23 22.59 -33.91
C ASP B 54 3.48 23.19 -35.32
N LYS B 55 3.58 22.33 -36.35
CA LYS B 55 3.80 22.83 -37.72
C LYS B 55 2.55 22.85 -38.61
N ALA B 56 1.38 22.55 -38.07
CA ALA B 56 0.20 22.32 -38.88
C ALA B 56 -0.72 23.55 -38.96
N ASP B 57 -1.45 23.68 -40.06
CA ASP B 57 -2.43 24.74 -40.19
C ASP B 57 -3.73 24.33 -39.47
N ALA B 58 -4.68 25.26 -39.40
CA ALA B 58 -5.87 25.04 -38.58
C ALA B 58 -6.58 23.81 -39.05
N GLU B 59 -6.81 23.75 -40.36
CA GLU B 59 -7.59 22.68 -40.95
C GLU B 59 -6.82 21.35 -40.76
N ASN B 60 -5.50 21.35 -40.83
CA ASN B 60 -4.76 20.15 -40.47
C ASN B 60 -4.82 19.80 -38.98
N ILE B 61 -4.78 20.81 -38.12
CA ILE B 61 -4.98 20.56 -36.69
C ILE B 61 -6.34 19.89 -36.43
N VAL B 62 -7.39 20.41 -37.06
CA VAL B 62 -8.70 19.78 -36.90
C VAL B 62 -8.73 18.31 -37.39
N ARG B 63 -8.02 18.04 -38.47
CA ARG B 63 -8.02 16.71 -39.04
C ARG B 63 -7.34 15.78 -38.02
N LEU B 64 -6.23 16.20 -37.46
CA LEU B 64 -5.43 15.31 -36.64
C LEU B 64 -6.09 15.01 -35.30
N LEU B 65 -6.62 16.06 -34.66
CA LEU B 65 -7.36 15.79 -33.42
C LEU B 65 -8.60 14.93 -33.64
N GLY B 66 -9.33 15.22 -34.73
CA GLY B 66 -10.38 14.35 -35.23
C GLY B 66 -9.91 12.90 -35.31
N GLN B 67 -8.75 12.67 -35.90
CA GLN B 67 -8.23 11.30 -35.93
C GLN B 67 -7.90 10.81 -34.50
N CYS B 68 -7.21 11.61 -33.67
CA CYS B 68 -6.95 11.21 -32.26
C CYS B 68 -8.23 10.82 -31.54
N ASP B 69 -9.30 11.60 -31.64
CA ASP B 69 -10.60 11.22 -31.02
C ASP B 69 -11.23 9.93 -31.56
N ALA B 70 -11.03 9.66 -32.83
CA ALA B 70 -11.57 8.43 -33.42
C ALA B 70 -10.95 7.19 -32.82
N GLU B 71 -9.71 7.31 -32.35
CA GLU B 71 -9.01 6.20 -31.74
C GLU B 71 -9.77 5.65 -30.54
N ILE B 72 -10.62 6.49 -29.94
CA ILE B 72 -11.47 6.00 -28.86
C ILE B 72 -12.29 4.79 -29.30
N PHE B 73 -12.74 4.81 -30.55
CA PHE B 73 -13.69 3.81 -31.04
C PHE B 73 -13.08 2.71 -31.87
N GLN B 74 -11.79 2.84 -32.11
CA GLN B 74 -11.02 1.86 -32.85
C GLN B 74 -10.92 0.49 -32.16
N GLU B 75 -11.06 -0.57 -32.95
CA GLU B 75 -11.15 -1.94 -32.42
C GLU B 75 -9.78 -2.55 -32.20
N GLU B 76 -9.70 -3.47 -31.24
CA GLU B 76 -8.47 -4.24 -30.97
C GLU B 76 -7.96 -4.86 -32.29
N GLY B 77 -6.68 -4.67 -32.60
CA GLY B 77 -6.05 -5.31 -33.76
C GLY B 77 -5.48 -6.65 -33.34
N GLN B 78 -4.33 -7.03 -33.92
CA GLN B 78 -3.55 -8.23 -33.50
C GLN B 78 -2.05 -8.06 -33.71
N SER B 81 -0.23 -9.25 -27.84
CA SER B 81 0.34 -8.33 -28.81
C SER B 81 -0.07 -6.88 -28.53
N THR B 82 -1.38 -6.65 -28.34
CA THR B 82 -1.94 -5.28 -28.18
C THR B 82 -3.01 -5.29 -27.12
N TYR B 83 -3.41 -4.08 -26.71
CA TYR B 83 -4.21 -3.90 -25.52
C TYR B 83 -5.70 -3.99 -25.77
N GLN B 84 -6.41 -4.31 -24.70
CA GLN B 84 -7.87 -4.29 -24.67
C GLN B 84 -8.40 -2.91 -25.09
N ARG B 85 -9.48 -2.86 -25.87
CA ARG B 85 -10.03 -1.58 -26.33
C ARG B 85 -11.53 -1.52 -26.05
N LEU B 86 -12.15 -0.40 -26.41
CA LEU B 86 -13.54 -0.11 -26.04
C LEU B 86 -14.53 -1.17 -26.50
N TYR B 87 -14.35 -1.66 -27.71
CA TYR B 87 -15.26 -2.70 -28.29
C TYR B 87 -14.82 -4.15 -27.95
N SER B 88 -13.71 -4.33 -27.22
CA SER B 88 -13.22 -5.67 -26.89
C SER B 88 -14.13 -6.38 -25.90
N GLU B 89 -14.17 -7.68 -26.01
CA GLU B 89 -15.19 -8.50 -25.35
C GLU B 89 -15.08 -8.51 -23.82
N SER B 90 -13.87 -8.36 -23.32
CA SER B 90 -13.66 -8.28 -21.90
C SER B 90 -14.17 -6.93 -21.33
N ILE B 91 -13.93 -5.84 -22.09
CA ILE B 91 -14.43 -4.52 -21.72
C ILE B 91 -15.97 -4.43 -21.73
N LEU B 92 -16.60 -4.86 -22.84
CA LEU B 92 -18.09 -5.00 -22.91
C LEU B 92 -18.63 -5.88 -21.83
N THR B 93 -18.00 -7.00 -21.57
CA THR B 93 -18.39 -7.83 -20.41
C THR B 93 -18.26 -7.05 -19.09
N THR B 94 -17.20 -6.25 -18.93
CA THR B 94 -17.05 -5.55 -17.66
C THR B 94 -18.18 -4.52 -17.51
N MET B 95 -18.47 -3.85 -18.62
CA MET B 95 -19.52 -2.84 -18.65
C MET B 95 -20.83 -3.48 -18.24
N VAL B 96 -21.14 -4.65 -18.78
CA VAL B 96 -22.46 -5.22 -18.48
C VAL B 96 -22.55 -5.63 -17.02
N GLN B 97 -21.47 -6.22 -16.49
CA GLN B 97 -21.52 -6.75 -15.12
C GLN B 97 -21.66 -5.55 -14.16
N VAL B 98 -20.92 -4.49 -14.42
CA VAL B 98 -21.10 -3.27 -13.62
C VAL B 98 -22.51 -2.65 -13.75
N ALA B 99 -23.00 -2.56 -14.97
CA ALA B 99 -24.38 -2.08 -15.19
C ALA B 99 -25.37 -2.84 -14.30
N GLY B 100 -25.24 -4.16 -14.29
CA GLY B 100 -26.03 -5.04 -13.44
C GLY B 100 -25.85 -4.78 -11.98
N LYS B 101 -24.64 -4.45 -11.60
CA LYS B 101 -24.41 -4.09 -10.22
C LYS B 101 -25.14 -2.79 -9.87
N VAL B 102 -25.17 -1.86 -10.82
CA VAL B 102 -25.94 -0.68 -10.61
C VAL B 102 -27.43 -1.00 -10.60
N GLN B 103 -27.83 -2.04 -11.31
CA GLN B 103 -29.23 -2.41 -11.31
C GLN B 103 -29.64 -2.88 -9.93
N GLU B 104 -28.77 -3.63 -9.26
CA GLU B 104 -29.17 -4.16 -7.96
C GLU B 104 -29.51 -3.00 -7.04
N VAL B 105 -28.66 -1.99 -7.01
CA VAL B 105 -28.90 -0.82 -6.19
C VAL B 105 -30.12 -0.05 -6.65
N LEU B 106 -30.28 0.14 -7.97
CA LEU B 106 -31.49 0.79 -8.46
C LEU B 106 -32.77 0.16 -7.86
N LYS B 107 -32.73 -1.15 -7.64
CA LYS B 107 -33.88 -1.93 -7.12
C LYS B 107 -34.00 -2.03 -5.59
N GLU B 108 -33.16 -1.34 -4.84
CA GLU B 108 -33.28 -1.27 -3.39
C GLU B 108 -32.62 0.00 -2.97
N PRO B 109 -33.28 1.13 -3.28
CA PRO B 109 -32.77 2.45 -2.92
C PRO B 109 -32.78 2.82 -1.44
N ASP B 110 -33.51 2.12 -0.58
CA ASP B 110 -33.36 2.39 0.84
C ASP B 110 -31.89 2.05 1.21
N GLY B 111 -31.09 3.09 1.29
CA GLY B 111 -29.71 2.96 1.70
C GLY B 111 -28.69 2.89 0.57
N GLY B 112 -29.11 3.12 -0.66
CA GLY B 112 -28.21 3.00 -1.78
C GLY B 112 -27.66 4.35 -2.20
N LEU B 113 -26.44 4.35 -2.70
CA LEU B 113 -25.88 5.52 -3.34
C LEU B 113 -25.00 5.06 -4.48
N VAL B 114 -24.98 5.85 -5.55
CA VAL B 114 -23.95 5.64 -6.56
C VAL B 114 -23.11 6.88 -6.68
N VAL B 115 -21.81 6.72 -6.41
CA VAL B 115 -20.92 7.86 -6.42
C VAL B 115 -20.02 7.85 -7.65
N LEU B 116 -19.85 9.00 -8.27
CA LEU B 116 -18.93 9.17 -9.35
C LEU B 116 -17.81 10.15 -8.95
N SER B 117 -16.53 9.73 -8.93
CA SER B 117 -15.46 10.56 -8.31
C SER B 117 -14.21 10.77 -9.14
N GLY B 118 -13.61 11.94 -9.09
CA GLY B 118 -12.26 12.08 -9.64
C GLY B 118 -11.75 13.48 -9.47
N GLY B 119 -10.52 13.68 -9.89
CA GLY B 119 -9.90 15.03 -9.87
C GLY B 119 -9.94 15.69 -11.23
N GLY B 120 -9.80 17.00 -11.28
CA GLY B 120 -9.78 17.75 -12.55
C GLY B 120 -10.95 17.38 -13.43
N THR B 121 -10.70 17.33 -14.73
CA THR B 121 -11.73 17.01 -15.71
C THR B 121 -12.48 15.72 -15.39
N SER B 122 -11.86 14.79 -14.69
CA SER B 122 -12.54 13.57 -14.41
C SER B 122 -13.62 13.85 -13.44
N GLY B 123 -13.36 14.73 -12.48
CA GLY B 123 -14.38 15.15 -11.54
C GLY B 123 -15.42 16.03 -12.23
N ARG B 124 -15.01 16.83 -13.19
CA ARG B 124 -15.96 17.62 -13.93
C ARG B 124 -16.98 16.70 -14.64
N MET B 125 -16.49 15.64 -15.27
CA MET B 125 -17.36 14.74 -16.01
C MET B 125 -18.21 13.99 -15.05
N ALA B 126 -17.67 13.71 -13.84
CA ALA B 126 -18.49 13.09 -12.79
C ALA B 126 -19.66 13.98 -12.34
N PHE B 127 -19.46 15.28 -12.27
CA PHE B 127 -20.56 16.17 -11.91
C PHE B 127 -21.65 16.13 -13.01
N LEU B 128 -21.29 16.41 -14.26
CA LEU B 128 -22.30 16.44 -15.32
C LEU B 128 -23.18 15.18 -15.37
N MET B 129 -22.51 14.04 -15.38
CA MET B 129 -23.17 12.77 -15.46
C MET B 129 -24.06 12.56 -14.29
N SER B 130 -23.62 12.92 -13.08
CA SER B 130 -24.48 12.74 -11.90
C SER B 130 -25.79 13.58 -12.04
N VAL B 131 -25.70 14.76 -12.64
CA VAL B 131 -26.84 15.61 -12.76
C VAL B 131 -27.81 14.97 -13.76
N SER B 132 -27.27 14.52 -14.89
CA SER B 132 -28.03 13.85 -15.90
C SER B 132 -28.75 12.65 -15.39
N PHE B 133 -28.09 11.76 -14.68
CA PHE B 133 -28.81 10.57 -14.21
C PHE B 133 -29.71 10.80 -13.00
N ASN B 134 -29.45 11.83 -12.18
CA ASN B 134 -30.43 12.16 -11.13
C ASN B 134 -31.72 12.71 -11.79
N GLN B 135 -31.59 13.56 -12.81
CA GLN B 135 -32.71 14.01 -13.65
C GLN B 135 -33.53 12.83 -14.18
N LEU B 136 -32.84 11.84 -14.73
CA LEU B 136 -33.46 10.63 -15.23
C LEU B 136 -34.27 9.90 -14.19
N MET B 137 -33.79 9.83 -12.98
CA MET B 137 -34.57 9.17 -11.95
C MET B 137 -35.79 10.03 -11.55
N LYS B 138 -35.57 11.34 -11.54
CA LYS B 138 -36.60 12.34 -11.32
C LYS B 138 -37.81 12.20 -12.27
N GLY B 139 -37.58 12.32 -13.59
CA GLY B 139 -38.59 12.00 -14.59
C GLY B 139 -39.30 10.63 -14.46
N LEU B 140 -38.99 9.83 -13.43
CA LEU B 140 -39.72 8.60 -13.15
C LEU B 140 -40.19 8.59 -11.71
N GLY B 141 -40.21 9.76 -11.11
CA GLY B 141 -40.48 9.88 -9.69
C GLY B 141 -39.77 8.83 -8.85
N GLN B 142 -38.45 8.76 -8.99
CA GLN B 142 -37.63 7.89 -8.14
C GLN B 142 -36.68 8.78 -7.33
N LYS B 143 -36.46 8.41 -6.08
CA LYS B 143 -35.39 8.99 -5.23
C LYS B 143 -34.07 9.08 -6.07
N PRO B 144 -33.55 10.30 -6.34
CA PRO B 144 -32.24 10.35 -7.03
C PRO B 144 -31.09 9.75 -6.20
N LEU B 145 -30.29 8.87 -6.81
CA LEU B 145 -29.24 8.15 -6.11
C LEU B 145 -27.79 8.51 -6.45
N TYR B 146 -27.55 9.36 -7.43
CA TYR B 146 -26.21 9.62 -7.85
C TYR B 146 -25.67 10.84 -7.12
N THR B 147 -24.40 10.81 -6.78
CA THR B 147 -23.72 12.04 -6.44
C THR B 147 -22.32 12.00 -7.00
N TYR B 148 -21.57 13.07 -6.75
CA TYR B 148 -20.27 13.25 -7.37
C TYR B 148 -19.32 13.77 -6.31
N LEU B 149 -18.04 13.63 -6.58
CA LEU B 149 -16.97 14.02 -5.68
C LEU B 149 -15.88 14.51 -6.59
N ILE B 150 -15.43 15.72 -6.41
CA ILE B 150 -14.27 16.12 -7.14
C ILE B 150 -13.20 16.64 -6.15
N ALA B 151 -11.96 16.36 -6.48
CA ALA B 151 -10.82 16.81 -5.69
C ALA B 151 -10.94 18.29 -5.43
N GLY B 152 -11.06 18.62 -4.14
CA GLY B 152 -11.03 20.00 -3.63
C GLY B 152 -12.43 20.54 -3.33
N GLY B 153 -13.43 19.66 -3.40
CA GLY B 153 -14.84 20.01 -3.26
C GLY B 153 -15.46 20.77 -4.43
N ASP B 154 -16.70 21.21 -4.22
CA ASP B 154 -17.64 21.54 -5.29
C ASP B 154 -17.17 22.66 -6.14
N ARG B 155 -16.58 23.64 -5.47
CA ARG B 155 -15.94 24.73 -6.19
C ARG B 155 -14.96 24.25 -7.29
N SER B 156 -14.25 23.13 -7.11
CA SER B 156 -13.32 22.66 -8.16
C SER B 156 -13.97 22.46 -9.53
N VAL B 157 -15.28 22.24 -9.53
CA VAL B 157 -16.02 21.90 -10.71
C VAL B 157 -15.82 22.87 -11.83
N VAL B 158 -15.72 24.15 -11.51
CA VAL B 158 -15.59 25.20 -12.53
C VAL B 158 -14.36 26.06 -12.33
N ALA B 159 -13.38 25.57 -11.58
CA ALA B 159 -12.08 26.26 -11.45
C ALA B 159 -10.87 25.39 -11.81
N SER B 160 -9.74 26.07 -12.00
CA SER B 160 -8.47 25.39 -12.16
C SER B 160 -7.88 25.14 -10.80
N ARG B 161 -7.77 23.90 -10.38
CA ARG B 161 -7.31 23.59 -9.02
C ARG B 161 -6.54 22.27 -8.94
N GLU B 162 -5.45 22.23 -9.71
CA GLU B 162 -4.73 20.97 -10.01
C GLU B 162 -4.01 20.35 -8.80
N GLY B 163 -3.76 21.17 -7.77
CA GLY B 163 -3.07 20.73 -6.57
C GLY B 163 -3.86 19.85 -5.63
N THR B 164 -5.18 19.79 -5.85
CA THR B 164 -6.07 19.14 -4.89
C THR B 164 -6.17 17.62 -4.98
N GLU B 165 -5.55 17.05 -5.99
CA GLU B 165 -5.69 15.60 -6.30
C GLU B 165 -4.63 14.69 -5.68
N ASP B 166 -3.67 15.31 -4.98
CA ASP B 166 -2.47 14.59 -4.54
C ASP B 166 -2.60 13.92 -3.22
N SER B 167 -3.79 13.89 -2.67
CA SER B 167 -4.03 13.46 -1.28
C SER B 167 -5.08 12.39 -1.21
N ALA B 168 -4.69 11.26 -0.66
CA ALA B 168 -5.50 10.09 -0.53
C ALA B 168 -6.48 10.24 0.59
N LEU B 169 -6.02 10.84 1.69
CA LEU B 169 -6.86 11.04 2.84
C LEU B 169 -8.00 11.96 2.49
N HIS B 170 -7.73 13.00 1.73
CA HIS B 170 -8.82 13.86 1.31
C HIS B 170 -9.88 13.10 0.46
N GLY B 171 -9.43 12.21 -0.43
CA GLY B 171 -10.37 11.39 -1.20
C GLY B 171 -11.30 10.61 -0.28
N ILE B 172 -10.68 9.99 0.72
CA ILE B 172 -11.38 9.16 1.67
C ILE B 172 -12.28 9.97 2.54
N GLU B 173 -11.83 11.13 3.00
CA GLU B 173 -12.71 12.00 3.80
C GLU B 173 -13.96 12.38 3.01
N GLU B 174 -13.79 12.84 1.78
CA GLU B 174 -14.94 13.25 1.02
C GLU B 174 -15.91 12.09 0.82
N LEU B 175 -15.38 10.89 0.61
CA LEU B 175 -16.18 9.74 0.33
C LEU B 175 -17.00 9.38 1.56
N LYS B 176 -16.42 9.51 2.75
CA LYS B 176 -17.15 9.11 3.97
C LYS B 176 -18.27 10.08 4.31
N LYS B 177 -18.09 11.35 4.01
CA LYS B 177 -19.14 12.34 4.23
C LYS B 177 -20.36 12.06 3.41
N VAL B 178 -20.14 11.71 2.17
CA VAL B 178 -21.25 11.39 1.30
C VAL B 178 -21.85 9.97 1.64
N ALA B 179 -21.05 9.02 2.10
CA ALA B 179 -21.57 7.67 2.33
C ALA B 179 -22.01 7.41 3.77
N ALA B 180 -21.81 8.38 4.65
CA ALA B 180 -22.25 8.25 6.03
C ALA B 180 -23.67 7.67 6.07
N GLY B 181 -23.82 6.55 6.77
CA GLY B 181 -25.12 5.97 7.03
C GLY B 181 -25.70 5.03 5.99
N LYS B 182 -25.07 4.90 4.82
CA LYS B 182 -25.67 4.15 3.71
C LYS B 182 -25.30 2.73 3.85
N LYS B 183 -26.01 1.84 3.16
CA LYS B 183 -25.81 0.38 3.26
C LYS B 183 -25.18 -0.27 2.01
N ARG B 184 -25.53 0.25 0.82
CA ARG B 184 -24.94 -0.18 -0.47
C ARG B 184 -24.44 1.03 -1.25
N VAL B 185 -23.11 1.13 -1.44
CA VAL B 185 -22.54 2.25 -2.19
C VAL B 185 -21.70 1.75 -3.33
N ILE B 186 -22.00 2.23 -4.53
CA ILE B 186 -21.13 1.92 -5.65
C ILE B 186 -20.27 3.13 -5.85
N VAL B 187 -18.94 2.93 -5.90
CA VAL B 187 -18.03 4.05 -5.99
C VAL B 187 -17.31 3.95 -7.29
N ILE B 188 -17.60 4.87 -8.21
CA ILE B 188 -16.95 4.85 -9.50
C ILE B 188 -15.82 5.86 -9.52
N GLY B 189 -14.61 5.33 -9.38
CA GLY B 189 -13.42 6.10 -9.27
C GLY B 189 -12.85 6.32 -10.64
N ILE B 190 -12.73 7.58 -11.03
CA ILE B 190 -12.31 7.91 -12.34
C ILE B 190 -10.95 8.59 -12.31
N SER B 191 -9.95 7.99 -12.98
CA SER B 191 -8.64 8.63 -13.19
C SER B 191 -8.14 8.07 -14.49
N VAL B 192 -8.09 8.92 -15.51
CA VAL B 192 -7.76 8.51 -16.82
C VAL B 192 -6.44 7.80 -16.84
N GLY B 193 -5.50 8.34 -16.08
CA GLY B 193 -4.15 7.82 -16.05
C GLY B 193 -3.94 6.66 -15.12
N LEU B 194 -4.96 6.24 -14.38
CA LEU B 194 -4.80 5.39 -13.21
C LEU B 194 -3.72 6.05 -12.30
N SER B 195 -4.01 7.27 -11.91
CA SER B 195 -3.01 8.20 -11.46
C SER B 195 -3.34 8.90 -10.14
N ALA B 196 -4.58 9.35 -9.99
CA ALA B 196 -4.90 10.29 -8.89
C ALA B 196 -4.94 9.66 -7.50
N PRO B 197 -4.13 10.16 -6.58
CA PRO B 197 -4.20 9.73 -5.17
C PRO B 197 -5.55 9.94 -4.53
N PHE B 198 -6.19 11.07 -4.85
CA PHE B 198 -7.58 11.28 -4.47
C PHE B 198 -8.37 9.98 -4.69
N VAL B 199 -8.28 9.40 -5.88
CA VAL B 199 -9.05 8.19 -6.17
C VAL B 199 -8.44 6.95 -5.61
N ALA B 200 -7.12 6.84 -5.64
CA ALA B 200 -6.48 5.65 -5.09
C ALA B 200 -7.00 5.36 -3.68
N GLY B 201 -7.01 6.39 -2.85
CA GLY B 201 -7.45 6.18 -1.46
C GLY B 201 -8.88 5.64 -1.36
N GLN B 202 -9.76 6.24 -2.17
CA GLN B 202 -11.17 5.87 -2.20
C GLN B 202 -11.29 4.41 -2.55
N MET B 203 -10.55 3.95 -3.55
CA MET B 203 -10.75 2.58 -4.02
C MET B 203 -10.33 1.62 -2.96
N ASP B 204 -9.23 1.93 -2.31
CA ASP B 204 -8.59 1.06 -1.34
C ASP B 204 -9.53 0.99 -0.14
N CYS B 205 -10.01 2.16 0.30
CA CYS B 205 -11.00 2.21 1.36
C CYS B 205 -12.19 1.30 1.05
N CYS B 206 -12.68 1.36 -0.17
CA CYS B 206 -13.83 0.51 -0.55
C CYS B 206 -13.52 -0.94 -0.31
N MET B 207 -12.34 -1.37 -0.75
CA MET B 207 -11.97 -2.78 -0.64
C MET B 207 -11.86 -3.28 0.79
N ASN B 208 -11.73 -2.40 1.78
CA ASN B 208 -11.61 -2.90 3.14
C ASN B 208 -12.99 -3.10 3.76
N ASN B 209 -14.04 -2.74 3.02
CA ASN B 209 -15.39 -2.79 3.48
C ASN B 209 -16.36 -3.13 2.32
N THR B 210 -16.24 -4.34 1.78
CA THR B 210 -17.00 -4.73 0.59
C THR B 210 -18.42 -5.04 0.91
N ALA B 211 -18.69 -5.38 2.16
CA ALA B 211 -20.05 -5.39 2.68
C ALA B 211 -20.91 -4.19 2.20
N VAL B 212 -20.38 -2.98 2.29
CA VAL B 212 -21.10 -1.77 1.88
C VAL B 212 -20.62 -1.22 0.55
N PHE B 213 -19.32 -1.30 0.32
CA PHE B 213 -18.74 -0.64 -0.82
C PHE B 213 -18.49 -1.58 -1.99
N LEU B 214 -18.84 -1.15 -3.18
CA LEU B 214 -18.37 -1.79 -4.40
C LEU B 214 -17.60 -0.79 -5.29
N PRO B 215 -16.27 -0.93 -5.35
CA PRO B 215 -15.47 -0.02 -6.14
C PRO B 215 -15.35 -0.38 -7.60
N VAL B 216 -15.46 0.63 -8.45
CA VAL B 216 -15.31 0.55 -9.90
C VAL B 216 -14.27 1.56 -10.41
N LEU B 217 -13.09 1.09 -10.77
CA LEU B 217 -12.07 1.98 -11.31
C LEU B 217 -12.24 2.16 -12.78
N VAL B 218 -12.15 3.39 -13.27
CA VAL B 218 -12.21 3.65 -14.67
C VAL B 218 -11.04 4.53 -15.12
N GLY B 219 -10.33 4.05 -16.13
CA GLY B 219 -9.25 4.84 -16.73
C GLY B 219 -8.88 4.20 -18.03
N PHE B 220 -7.72 4.55 -18.57
CA PHE B 220 -7.39 4.23 -19.93
C PHE B 220 -5.93 3.80 -20.10
N ASN B 221 -5.44 3.13 -19.07
CA ASN B 221 -4.17 2.44 -19.11
C ASN B 221 -4.37 1.04 -18.60
N PRO B 222 -3.59 0.14 -19.15
CA PRO B 222 -3.57 -1.13 -18.50
C PRO B 222 -3.06 -1.02 -17.07
N VAL B 223 -3.49 -1.96 -16.23
CA VAL B 223 -3.06 -1.98 -14.87
C VAL B 223 -1.54 -2.04 -14.73
N SER B 224 -0.84 -2.71 -15.61
CA SER B 224 0.61 -2.79 -15.54
C SER B 224 1.28 -1.45 -15.77
N MET B 225 0.52 -0.45 -16.22
CA MET B 225 1.07 0.89 -16.44
C MET B 225 0.43 1.90 -15.50
N ALA B 226 -0.39 1.43 -14.55
CA ALA B 226 -0.90 2.30 -13.52
C ALA B 226 0.23 2.92 -12.68
N ARG B 227 -0.07 4.08 -12.14
CA ARG B 227 0.93 4.89 -11.48
C ARG B 227 1.43 4.15 -10.30
N ASN B 228 2.75 4.18 -10.15
CA ASN B 228 3.40 3.34 -9.15
C ASN B 228 4.37 4.06 -8.26
N ASP B 229 4.38 5.38 -8.28
CA ASP B 229 5.25 6.12 -7.41
C ASP B 229 4.54 6.39 -6.11
N PRO B 230 5.28 6.46 -4.99
CA PRO B 230 4.67 6.63 -3.68
C PRO B 230 3.82 7.87 -3.59
N ILE B 231 2.68 7.74 -2.91
CA ILE B 231 1.74 8.79 -2.60
C ILE B 231 2.07 9.24 -1.20
N GLU B 232 2.05 10.52 -1.02
CA GLU B 232 2.65 11.13 0.10
C GLU B 232 1.93 10.73 1.38
N ASP B 233 0.60 10.59 1.35
CA ASP B 233 -0.07 10.26 2.59
C ASP B 233 -0.64 8.83 2.58
N TRP B 234 -0.07 7.89 1.84
CA TRP B 234 -0.73 6.58 1.71
C TRP B 234 0.35 5.54 1.47
N SER B 235 0.18 4.31 1.99
CA SER B 235 1.29 3.33 1.92
C SER B 235 1.30 2.51 0.65
N SER B 236 0.16 2.41 -0.01
CA SER B 236 0.07 1.64 -1.23
C SER B 236 0.03 2.61 -2.41
N THR B 237 0.23 2.04 -3.58
CA THR B 237 0.62 2.80 -4.76
C THR B 237 -0.60 2.62 -5.66
N PHE B 238 -0.86 3.49 -6.62
CA PHE B 238 -2.07 3.30 -7.45
C PHE B 238 -2.11 1.91 -8.12
N ARG B 239 -0.99 1.48 -8.67
CA ARG B 239 -0.88 0.16 -9.29
C ARG B 239 -1.23 -1.05 -8.39
N GLN B 240 -1.00 -0.93 -7.09
CA GLN B 240 -1.21 -2.07 -6.18
C GLN B 240 -2.69 -2.12 -5.92
N VAL B 241 -3.28 -0.95 -5.86
CA VAL B 241 -4.71 -0.86 -5.64
C VAL B 241 -5.41 -1.40 -6.88
N ALA B 242 -5.07 -0.91 -8.04
CA ALA B 242 -5.65 -1.49 -9.26
C ALA B 242 -5.41 -3.00 -9.41
N GLU B 243 -4.24 -3.50 -9.02
CA GLU B 243 -3.95 -4.93 -9.12
C GLU B 243 -4.84 -5.71 -8.23
N ARG B 244 -5.08 -5.20 -7.03
CA ARG B 244 -5.94 -5.90 -6.07
C ARG B 244 -7.43 -5.89 -6.50
N MET B 245 -7.85 -4.76 -7.06
CA MET B 245 -9.18 -4.64 -7.63
C MET B 245 -9.43 -5.63 -8.77
N GLN B 246 -8.46 -5.76 -9.65
CA GLN B 246 -8.49 -6.79 -10.71
C GLN B 246 -8.64 -8.20 -10.18
N LYS B 247 -7.91 -8.59 -9.16
CA LYS B 247 -8.11 -9.92 -8.59
C LYS B 247 -9.56 -10.09 -8.06
N MET B 248 -10.07 -9.12 -7.33
CA MET B 248 -11.41 -9.22 -6.80
C MET B 248 -12.49 -9.20 -7.88
N GLN B 249 -12.18 -8.71 -9.08
CA GLN B 249 -13.14 -8.73 -10.16
C GLN B 249 -13.67 -10.14 -10.43
N GLU B 250 -12.83 -11.15 -10.30
CA GLU B 250 -13.22 -12.56 -10.46
C GLU B 250 -14.40 -12.94 -9.60
N LYS B 251 -14.46 -12.41 -8.39
CA LYS B 251 -15.62 -12.58 -7.49
C LYS B 251 -16.66 -11.44 -7.65
N GLN B 252 -16.50 -10.55 -8.62
CA GLN B 252 -17.41 -9.41 -8.75
C GLN B 252 -17.54 -8.46 -7.52
N LYS B 253 -16.49 -8.40 -6.72
CA LYS B 253 -16.45 -7.52 -5.58
C LYS B 253 -15.77 -6.20 -5.94
N ALA B 254 -15.16 -6.11 -7.13
CA ALA B 254 -14.61 -4.86 -7.66
C ALA B 254 -14.50 -4.93 -9.18
N PHE B 255 -14.42 -3.79 -9.86
CA PHE B 255 -14.18 -3.78 -11.28
C PHE B 255 -13.13 -2.77 -11.71
N VAL B 256 -12.41 -3.14 -12.76
CA VAL B 256 -11.50 -2.25 -13.43
C VAL B 256 -11.93 -2.21 -14.87
N LEU B 257 -12.19 -1.00 -15.35
CA LEU B 257 -12.76 -0.77 -16.65
C LEU B 257 -11.85 0.20 -17.32
N ASN B 258 -10.95 -0.35 -18.11
CA ASN B 258 -9.76 0.36 -18.58
C ASN B 258 -9.36 0.01 -20.00
N PRO B 259 -10.19 0.38 -20.97
CA PRO B 259 -9.84 0.18 -22.37
C PRO B 259 -8.80 1.18 -22.74
N ALA B 260 -7.95 0.85 -23.70
CA ALA B 260 -6.97 1.78 -24.25
C ALA B 260 -7.61 2.60 -25.38
N ILE B 261 -7.34 3.89 -25.38
CA ILE B 261 -7.93 4.76 -26.36
C ILE B 261 -6.90 5.44 -27.19
N GLY B 262 -5.64 5.13 -26.93
CA GLY B 262 -4.58 5.80 -27.63
C GLY B 262 -4.17 7.11 -26.98
N PRO B 263 -2.93 7.53 -27.20
CA PRO B 263 -2.54 8.70 -26.52
C PRO B 263 -3.24 9.99 -26.97
N GLU B 264 -2.99 11.06 -26.24
CA GLU B 264 -3.67 12.32 -26.53
C GLU B 264 -2.89 13.01 -27.61
N GLY B 265 -3.60 13.81 -28.39
CA GLY B 265 -2.96 14.59 -29.44
C GLY B 265 -2.03 15.64 -28.90
N LEU B 266 -2.36 16.18 -27.72
CA LEU B 266 -1.42 16.94 -26.93
C LEU B 266 -1.08 16.07 -25.70
N SER B 267 0.20 15.68 -25.64
CA SER B 267 0.66 14.60 -24.82
C SER B 267 0.25 14.89 -23.45
N GLY B 268 -0.42 13.93 -22.83
CA GLY B 268 -0.87 14.06 -21.47
C GLY B 268 -2.11 14.94 -21.21
N SER B 269 -2.72 15.57 -22.22
CA SER B 269 -3.88 16.41 -21.98
C SER B 269 -5.09 15.49 -21.89
N SER B 270 -5.17 14.76 -20.77
CA SER B 270 -6.27 13.83 -20.53
C SER B 270 -7.65 14.48 -20.45
N ARG B 271 -7.72 15.81 -20.48
CA ARG B 271 -9.00 16.50 -20.51
C ARG B 271 -9.75 16.14 -21.83
N MET B 272 -8.99 15.80 -22.87
CA MET B 272 -9.52 15.58 -24.21
C MET B 272 -10.11 14.20 -24.32
N LYS B 273 -9.39 13.26 -24.90
CA LYS B 273 -9.94 11.97 -25.16
C LYS B 273 -10.35 11.30 -23.92
N GLY B 274 -9.57 11.48 -22.86
CA GLY B 274 -9.88 10.78 -21.63
C GLY B 274 -11.17 11.24 -21.00
N GLY B 275 -11.41 12.53 -21.11
CA GLY B 275 -12.68 13.10 -20.68
C GLY B 275 -13.84 12.65 -21.59
N SER B 276 -13.67 12.76 -22.90
CA SER B 276 -14.68 12.21 -23.82
C SER B 276 -14.95 10.72 -23.57
N ALA B 277 -13.91 9.91 -23.57
CA ALA B 277 -14.11 8.48 -23.35
C ALA B 277 -14.71 8.19 -22.01
N THR B 278 -14.43 8.99 -20.99
CA THR B 278 -15.06 8.77 -19.67
C THR B 278 -16.57 8.88 -19.77
N LYS B 279 -17.06 9.91 -20.47
CA LYS B 279 -18.49 10.13 -20.69
C LYS B 279 -19.07 9.00 -21.47
N ILE B 280 -18.43 8.73 -22.60
CA ILE B 280 -18.86 7.66 -23.48
C ILE B 280 -19.02 6.37 -22.74
N LEU B 281 -18.02 6.03 -21.98
CA LEU B 281 -18.02 4.73 -21.31
C LEU B 281 -19.09 4.68 -20.28
N LEU B 282 -19.20 5.73 -19.47
CA LEU B 282 -20.11 5.63 -18.31
C LEU B 282 -21.56 6.04 -18.61
N GLU B 283 -21.75 6.97 -19.53
CA GLU B 283 -23.11 7.29 -19.97
C GLU B 283 -23.72 6.08 -20.64
N THR B 284 -22.98 5.46 -21.56
CA THR B 284 -23.42 4.21 -22.17
C THR B 284 -23.88 3.25 -21.10
N LEU B 285 -22.97 2.97 -20.20
CA LEU B 285 -23.14 1.87 -19.22
C LEU B 285 -24.34 2.10 -18.34
N LEU B 286 -24.51 3.33 -17.88
CA LEU B 286 -25.55 3.62 -16.88
C LEU B 286 -26.87 3.84 -17.53
N LEU B 287 -26.88 4.51 -18.69
CA LEU B 287 -28.11 4.58 -19.44
C LEU B 287 -28.62 3.15 -19.74
N ALA B 288 -27.73 2.22 -20.02
CA ALA B 288 -28.19 0.91 -20.26
C ALA B 288 -28.72 0.30 -19.00
N ALA B 289 -28.03 0.52 -17.90
CA ALA B 289 -28.52 0.01 -16.65
C ALA B 289 -29.98 0.36 -16.44
N HIS B 290 -30.34 1.63 -16.69
CA HIS B 290 -31.66 2.17 -16.34
C HIS B 290 -32.72 1.65 -17.32
N LYS B 291 -32.44 1.85 -18.61
CA LYS B 291 -33.23 1.32 -19.71
C LYS B 291 -33.62 -0.18 -19.61
N THR B 292 -32.68 -1.02 -19.17
CA THR B 292 -32.86 -2.45 -19.17
C THR B 292 -33.09 -3.11 -17.80
N VAL B 293 -33.47 -2.38 -16.77
CA VAL B 293 -33.86 -3.10 -15.54
C VAL B 293 -34.84 -4.24 -15.86
N ASP B 294 -34.59 -5.39 -15.22
CA ASP B 294 -35.52 -6.53 -15.26
C ASP B 294 -35.84 -7.03 -16.68
N GLN B 295 -34.84 -6.97 -17.57
CA GLN B 295 -34.93 -7.51 -18.93
C GLN B 295 -33.86 -8.55 -19.24
N GLY B 296 -32.94 -8.80 -18.30
CA GLY B 296 -31.96 -9.86 -18.48
C GLY B 296 -30.75 -9.35 -19.22
N ILE B 297 -29.66 -10.10 -19.08
CA ILE B 297 -28.32 -9.68 -19.48
C ILE B 297 -28.23 -9.30 -20.95
N ALA B 298 -28.95 -10.08 -21.76
CA ALA B 298 -28.93 -9.97 -23.21
C ALA B 298 -29.37 -8.59 -23.68
N ALA B 299 -30.49 -8.11 -23.14
CA ALA B 299 -31.01 -6.79 -23.51
C ALA B 299 -30.01 -5.71 -23.07
N SER B 300 -29.38 -5.91 -21.93
CA SER B 300 -28.34 -5.00 -21.50
C SER B 300 -27.19 -4.91 -22.54
N GLN B 301 -26.70 -6.07 -23.00
CA GLN B 301 -25.57 -6.11 -23.93
C GLN B 301 -25.88 -5.42 -25.22
N ARG B 302 -27.08 -5.68 -25.75
CA ARG B 302 -27.52 -5.14 -27.02
C ARG B 302 -27.54 -3.65 -26.85
N CYS B 303 -28.23 -3.21 -25.81
CA CYS B 303 -28.32 -1.77 -25.50
C CYS B 303 -26.94 -1.04 -25.34
N LEU B 304 -25.96 -1.66 -24.64
CA LEU B 304 -24.60 -1.05 -24.52
C LEU B 304 -24.06 -0.77 -25.90
N LEU B 305 -24.20 -1.76 -26.76
CA LEU B 305 -23.71 -1.65 -28.14
C LEU B 305 -24.49 -0.63 -28.98
N GLU B 306 -25.82 -0.58 -28.82
CA GLU B 306 -26.56 0.48 -29.52
C GLU B 306 -25.92 1.83 -29.18
N ILE B 307 -25.87 2.15 -27.89
CA ILE B 307 -25.43 3.48 -27.42
C ILE B 307 -23.99 3.79 -27.83
N LEU B 308 -23.10 2.83 -27.71
CA LEU B 308 -21.73 3.08 -28.15
C LEU B 308 -21.73 3.49 -29.60
N ARG B 309 -22.39 2.69 -30.43
CA ARG B 309 -22.33 2.97 -31.86
C ARG B 309 -22.92 4.34 -32.15
N THR B 310 -23.91 4.76 -31.35
CA THR B 310 -24.43 6.11 -31.50
C THR B 310 -23.35 7.16 -31.21
N PHE B 311 -22.62 6.98 -30.10
CA PHE B 311 -21.53 7.93 -29.79
C PHE B 311 -20.52 7.88 -30.92
N GLU B 312 -20.31 6.72 -31.48
CA GLU B 312 -19.36 6.64 -32.59
C GLU B 312 -19.88 7.45 -33.83
N ARG B 313 -21.18 7.38 -34.09
CA ARG B 313 -21.82 8.23 -35.15
C ARG B 313 -21.56 9.73 -34.82
N ALA B 314 -21.77 10.09 -33.54
CA ALA B 314 -21.59 11.48 -33.05
C ALA B 314 -20.22 12.01 -33.41
N HIS B 315 -19.22 11.18 -33.25
CA HIS B 315 -17.95 11.57 -33.77
C HIS B 315 -18.02 12.04 -35.22
N GLN B 316 -18.41 11.22 -36.20
CA GLN B 316 -18.34 11.75 -37.59
C GLN B 316 -19.37 12.82 -37.83
N VAL B 317 -20.48 12.75 -37.14
CA VAL B 317 -21.43 13.84 -37.25
C VAL B 317 -20.71 15.13 -36.96
N THR B 318 -20.05 15.15 -35.81
CA THR B 318 -19.36 16.35 -35.36
C THR B 318 -18.21 16.71 -36.26
N TYR B 319 -17.37 15.75 -36.62
CA TYR B 319 -16.19 16.10 -37.41
C TYR B 319 -16.50 16.29 -38.91
N SER B 320 -17.74 16.02 -39.34
CA SER B 320 -18.10 16.41 -40.70
C SER B 320 -18.18 17.94 -40.84
N GLN B 321 -18.10 18.66 -39.72
CA GLN B 321 -17.96 20.12 -39.76
C GLN B 321 -16.52 20.62 -39.75
N SER B 322 -15.56 19.79 -40.14
CA SER B 322 -14.17 20.16 -39.86
C SER B 322 -13.79 21.52 -40.45
N PRO B 323 -14.30 21.84 -41.65
CA PRO B 323 -13.81 23.09 -42.24
C PRO B 323 -14.28 24.36 -41.50
N LYS B 324 -15.49 24.31 -40.95
CA LYS B 324 -16.04 25.47 -40.22
C LYS B 324 -15.45 25.51 -38.79
N ILE B 325 -15.10 24.34 -38.29
CA ILE B 325 -14.37 24.26 -37.05
C ILE B 325 -12.97 24.85 -37.21
N ALA B 326 -12.31 24.67 -38.33
CA ALA B 326 -10.99 25.30 -38.46
C ALA B 326 -11.08 26.82 -38.65
N THR B 327 -12.14 27.27 -39.33
CA THR B 327 -12.41 28.71 -39.47
C THR B 327 -12.55 29.35 -38.05
N LEU B 328 -13.28 28.68 -37.16
CA LEU B 328 -13.45 29.23 -35.83
C LEU B 328 -12.08 29.24 -35.10
N MET B 329 -11.29 28.19 -35.31
CA MET B 329 -10.03 28.08 -34.65
C MET B 329 -9.18 29.28 -35.03
N LYS B 330 -8.95 29.47 -36.34
CA LYS B 330 -8.26 30.69 -36.86
C LYS B 330 -8.80 31.96 -36.15
N SER B 331 -10.11 32.07 -36.03
CA SER B 331 -10.68 33.31 -35.51
C SER B 331 -10.31 33.49 -34.05
N VAL B 332 -10.60 32.47 -33.24
CA VAL B 332 -10.19 32.43 -31.83
C VAL B 332 -8.68 32.74 -31.61
N SER B 333 -7.85 32.15 -32.47
CA SER B 333 -6.40 32.33 -32.37
C SER B 333 -5.97 33.77 -32.65
N THR B 334 -6.49 34.33 -33.74
CA THR B 334 -6.29 35.73 -34.13
C THR B 334 -6.57 36.65 -32.94
N SER B 335 -7.76 36.52 -32.38
CA SER B 335 -8.18 37.23 -31.21
C SER B 335 -7.09 37.26 -30.10
N LEU B 336 -6.59 36.10 -29.68
CA LEU B 336 -5.60 36.03 -28.58
C LEU B 336 -4.23 36.46 -29.00
N GLU B 337 -3.97 36.33 -30.30
CA GLU B 337 -2.74 36.80 -30.90
C GLU B 337 -2.60 38.29 -30.67
N LYS B 338 -3.71 39.02 -30.77
CA LYS B 338 -3.72 40.46 -30.59
C LYS B 338 -4.12 40.91 -29.18
N LYS B 339 -3.99 40.02 -28.21
CA LYS B 339 -4.22 40.37 -26.80
C LYS B 339 -5.67 40.66 -26.48
N GLY B 340 -6.57 40.14 -27.31
CA GLY B 340 -7.98 40.21 -27.04
C GLY B 340 -8.46 38.96 -26.33
N HIS B 341 -9.79 38.77 -26.33
CA HIS B 341 -10.43 37.73 -25.57
C HIS B 341 -11.51 36.98 -26.34
N VAL B 342 -11.96 35.86 -25.78
CA VAL B 342 -12.79 34.94 -26.46
C VAL B 342 -13.87 34.55 -25.51
N TYR B 343 -15.10 34.66 -25.97
CA TYR B 343 -16.22 34.45 -25.08
C TYR B 343 -16.97 33.27 -25.61
N LEU B 344 -17.31 32.35 -24.73
CA LEU B 344 -18.04 31.17 -25.13
C LEU B 344 -19.33 31.28 -24.37
N VAL B 345 -20.33 31.78 -25.09
CA VAL B 345 -21.61 32.02 -24.48
C VAL B 345 -22.50 30.90 -24.87
N GLY B 346 -23.06 30.24 -23.86
CA GLY B 346 -23.69 29.00 -24.04
C GLY B 346 -24.87 28.80 -23.14
N TRP B 347 -25.78 27.93 -23.62
CA TRP B 347 -27.05 27.73 -22.96
C TRP B 347 -27.09 26.36 -22.30
N GLN B 348 -27.73 26.30 -21.14
CA GLN B 348 -27.91 25.03 -20.47
C GLN B 348 -26.53 24.37 -20.18
N THR B 349 -26.56 23.08 -19.98
CA THR B 349 -25.41 22.20 -19.92
C THR B 349 -24.32 22.48 -20.98
N LEU B 350 -24.68 23.00 -22.15
CA LEU B 350 -23.61 23.29 -23.09
C LEU B 350 -22.83 24.49 -22.56
N GLY B 351 -23.52 25.32 -21.77
CA GLY B 351 -22.91 26.49 -21.18
C GLY B 351 -21.89 26.04 -20.17
N ILE B 352 -22.28 25.07 -19.36
CA ILE B 352 -21.37 24.54 -18.38
C ILE B 352 -20.13 24.00 -19.06
N ILE B 353 -20.31 23.32 -20.21
CA ILE B 353 -19.20 22.70 -20.94
C ILE B 353 -18.30 23.78 -21.46
N ALA B 354 -18.89 24.89 -21.88
CA ALA B 354 -18.10 26.06 -22.31
C ALA B 354 -17.18 26.61 -21.18
N ILE B 355 -17.78 26.77 -20.00
CA ILE B 355 -17.10 27.26 -18.83
C ILE B 355 -15.88 26.39 -18.53
N MET B 356 -16.12 25.07 -18.47
CA MET B 356 -15.06 24.07 -18.30
C MET B 356 -13.91 24.19 -19.30
N ASP B 357 -14.23 24.25 -20.56
CA ASP B 357 -13.15 24.32 -21.50
C ASP B 357 -12.21 25.50 -21.20
N GLY B 358 -12.81 26.66 -20.93
CA GLY B 358 -12.07 27.92 -20.85
C GLY B 358 -11.17 27.90 -19.65
N VAL B 359 -11.72 27.38 -18.57
CA VAL B 359 -11.01 27.25 -17.32
C VAL B 359 -9.83 26.32 -17.51
N GLU B 360 -10.05 25.25 -18.25
CA GLU B 360 -9.02 24.29 -18.38
C GLU B 360 -7.86 24.88 -19.17
N CYS B 361 -8.11 25.94 -19.96
CA CYS B 361 -7.04 26.60 -20.73
C CYS B 361 -6.05 27.25 -19.80
N ILE B 362 -6.52 27.57 -18.59
CA ILE B 362 -5.73 28.26 -17.59
C ILE B 362 -4.54 27.40 -17.32
N HIS B 363 -4.78 26.15 -16.94
CA HIS B 363 -3.66 25.31 -16.54
C HIS B 363 -3.01 24.59 -17.69
N THR B 364 -3.79 24.29 -18.72
CA THR B 364 -3.26 23.59 -19.86
C THR B 364 -2.30 24.44 -20.68
N PHE B 365 -2.59 25.73 -20.85
CA PHE B 365 -1.75 26.52 -21.72
C PHE B 365 -1.18 27.76 -21.10
N GLY B 366 -1.36 27.95 -19.80
CA GLY B 366 -0.83 29.15 -19.14
C GLY B 366 -1.71 30.36 -19.31
N ALA B 367 -2.96 30.18 -19.69
CA ALA B 367 -3.74 31.31 -20.19
C ALA B 367 -4.30 32.05 -19.00
N ASP B 368 -4.46 33.37 -19.16
CA ASP B 368 -5.26 34.14 -18.19
C ASP B 368 -6.71 33.62 -18.25
N PHE B 369 -7.40 33.72 -17.15
CA PHE B 369 -8.77 33.33 -17.04
C PHE B 369 -9.74 33.88 -18.11
N ARG B 370 -9.47 35.08 -18.61
CA ARG B 370 -10.33 35.79 -19.54
C ARG B 370 -9.98 35.51 -20.98
N ASP B 371 -8.82 34.91 -21.18
CA ASP B 371 -8.35 34.57 -22.52
C ASP B 371 -9.41 33.75 -23.29
N VAL B 372 -9.93 32.70 -22.66
CA VAL B 372 -10.98 31.90 -23.21
C VAL B 372 -11.91 31.61 -22.06
N ARG B 373 -13.03 32.30 -22.07
CA ARG B 373 -13.86 32.33 -20.91
C ARG B 373 -15.30 31.94 -21.26
N GLY B 374 -15.88 31.08 -20.46
CA GLY B 374 -17.19 30.54 -20.74
C GLY B 374 -18.23 31.18 -19.86
N PHE B 375 -19.46 31.22 -20.38
CA PHE B 375 -20.61 31.81 -19.68
C PHE B 375 -21.88 30.94 -19.89
N LEU B 376 -22.57 30.68 -18.81
CA LEU B 376 -23.91 30.13 -18.84
C LEU B 376 -24.99 31.25 -18.74
N ILE B 377 -25.82 31.40 -19.78
CA ILE B 377 -26.99 32.31 -19.74
C ILE B 377 -28.23 31.68 -19.15
N GLY B 378 -28.85 32.28 -18.13
CA GLY B 378 -30.07 31.74 -17.48
C GLY B 378 -29.87 30.41 -16.76
N GLN B 393 -18.83 32.42 -7.87
CA GLN B 393 -17.77 32.19 -6.88
C GLN B 393 -16.39 32.44 -7.51
N GLY B 394 -15.60 33.34 -6.90
CA GLY B 394 -14.49 33.97 -7.62
C GLY B 394 -15.11 34.66 -8.83
N PRO B 395 -14.62 34.38 -10.04
CA PRO B 395 -15.28 35.00 -11.19
C PRO B 395 -16.74 34.53 -11.44
N GLN B 396 -17.57 35.42 -11.95
CA GLN B 396 -18.95 35.07 -12.25
C GLN B 396 -19.01 34.17 -13.52
N PHE B 397 -19.87 33.14 -13.45
CA PHE B 397 -20.03 32.18 -14.52
C PHE B 397 -21.50 32.03 -15.02
N THR B 398 -22.49 32.07 -14.12
CA THR B 398 -23.91 32.13 -14.48
C THR B 398 -24.45 33.58 -14.54
N PHE B 399 -24.99 33.97 -15.71
CA PHE B 399 -25.59 35.30 -15.93
C PHE B 399 -27.01 35.28 -16.53
N SER B 400 -27.94 36.05 -15.96
CA SER B 400 -29.17 36.39 -16.69
C SER B 400 -28.79 37.18 -17.93
N GLN B 401 -29.76 37.33 -18.84
CA GLN B 401 -29.63 38.14 -20.06
C GLN B 401 -29.19 39.56 -19.77
N GLU B 402 -29.89 40.23 -18.86
CA GLU B 402 -29.60 41.62 -18.57
C GLU B 402 -28.29 41.65 -17.77
N ASP B 403 -28.11 40.74 -16.83
CA ASP B 403 -26.85 40.68 -16.10
C ASP B 403 -25.69 40.63 -17.10
N PHE B 404 -25.84 39.79 -18.13
CA PHE B 404 -24.83 39.71 -19.16
C PHE B 404 -24.69 40.97 -19.99
N LEU B 405 -25.79 41.59 -20.39
CA LEU B 405 -25.68 42.80 -21.26
C LEU B 405 -25.18 44.06 -20.50
N THR B 406 -25.61 44.17 -19.25
CA THR B 406 -25.17 45.23 -18.36
C THR B 406 -23.68 45.02 -18.10
N SER B 407 -23.35 43.86 -17.56
CA SER B 407 -22.05 43.66 -16.91
C SER B 407 -20.90 43.28 -17.85
N ILE B 408 -21.19 42.65 -18.99
CA ILE B 408 -20.16 42.01 -19.78
C ILE B 408 -20.09 42.59 -21.16
N LEU B 409 -21.21 42.94 -21.74
CA LEU B 409 -21.17 43.51 -23.07
C LEU B 409 -20.16 44.67 -23.20
N PRO B 410 -20.15 45.62 -22.24
CA PRO B 410 -19.28 46.81 -22.31
C PRO B 410 -17.78 46.52 -22.54
N SER B 411 -17.27 45.48 -21.90
CA SER B 411 -15.87 45.11 -22.06
C SER B 411 -15.49 44.61 -23.45
N LEU B 412 -16.46 44.30 -24.29
CA LEU B 412 -16.09 43.77 -25.61
C LEU B 412 -15.45 44.82 -26.54
N THR B 413 -14.77 44.35 -27.57
CA THR B 413 -13.88 45.13 -28.39
C THR B 413 -13.95 44.44 -29.72
N GLU B 414 -13.53 45.08 -30.80
CA GLU B 414 -13.83 44.54 -32.12
C GLU B 414 -12.83 43.50 -32.58
N ILE B 415 -11.76 43.29 -31.81
CA ILE B 415 -10.86 42.16 -32.04
C ILE B 415 -11.31 40.89 -31.32
N ASP B 416 -12.23 41.01 -30.38
CA ASP B 416 -12.69 39.84 -29.62
C ASP B 416 -13.47 38.85 -30.45
N THR B 417 -13.43 37.58 -30.05
CA THR B 417 -14.28 36.55 -30.63
C THR B 417 -15.38 36.06 -29.66
N VAL B 418 -16.62 35.98 -30.13
CA VAL B 418 -17.72 35.47 -29.30
C VAL B 418 -18.47 34.32 -29.96
N VAL B 419 -18.59 33.20 -29.24
CA VAL B 419 -19.12 31.97 -29.79
C VAL B 419 -20.38 31.62 -29.01
N PHE B 420 -21.48 31.41 -29.75
CA PHE B 420 -22.74 31.06 -29.10
C PHE B 420 -23.00 29.59 -29.34
N ILE B 421 -23.45 28.96 -28.28
CA ILE B 421 -23.55 27.55 -28.31
C ILE B 421 -24.88 27.25 -27.72
N PHE B 422 -25.75 26.65 -28.50
CA PHE B 422 -27.16 26.46 -28.11
C PHE B 422 -27.78 25.42 -29.05
N THR B 423 -28.99 25.03 -28.70
CA THR B 423 -29.82 24.10 -29.43
C THR B 423 -31.10 24.81 -29.84
N LEU B 424 -31.76 24.31 -30.89
CA LEU B 424 -33.04 24.92 -31.31
C LEU B 424 -34.15 24.69 -30.30
N ASP B 425 -33.88 23.97 -29.22
CA ASP B 425 -34.85 23.82 -28.14
C ASP B 425 -34.70 24.87 -27.04
N ASP B 426 -33.63 25.64 -27.08
CA ASP B 426 -33.46 26.69 -26.10
C ASP B 426 -34.35 27.88 -26.48
N ASN B 427 -34.57 28.74 -25.50
CA ASN B 427 -35.01 30.14 -25.72
C ASN B 427 -34.30 30.87 -26.88
N LEU B 428 -34.83 30.84 -28.10
CA LEU B 428 -34.13 31.47 -29.24
C LEU B 428 -34.29 32.99 -29.35
N THR B 429 -35.16 33.53 -28.52
CA THR B 429 -35.40 34.97 -28.44
C THR B 429 -34.20 35.56 -27.70
N GLU B 430 -34.09 35.17 -26.42
CA GLU B 430 -32.90 35.35 -25.57
C GLU B 430 -31.59 35.21 -26.31
N VAL B 431 -31.48 34.21 -27.20
CA VAL B 431 -30.28 34.08 -28.04
C VAL B 431 -30.12 35.29 -28.94
N GLN B 432 -31.06 35.50 -29.84
CA GLN B 432 -30.88 36.58 -30.80
C GLN B 432 -30.79 37.95 -30.13
N THR B 433 -31.48 38.17 -29.01
CA THR B 433 -31.33 39.45 -28.30
C THR B 433 -29.81 39.69 -28.09
N ILE B 434 -29.19 38.76 -27.35
CA ILE B 434 -27.79 38.89 -26.94
C ILE B 434 -26.86 38.97 -28.13
N VAL B 435 -27.14 38.17 -29.16
CA VAL B 435 -26.24 38.22 -30.31
C VAL B 435 -26.46 39.53 -31.05
N GLU B 436 -27.69 40.07 -31.05
CA GLU B 436 -27.93 41.36 -31.69
C GLU B 436 -27.04 42.42 -31.06
N GLN B 437 -27.12 42.55 -29.74
CA GLN B 437 -26.36 43.60 -29.09
C GLN B 437 -24.84 43.32 -29.20
N VAL B 438 -24.40 42.08 -28.92
CA VAL B 438 -22.99 41.68 -29.10
C VAL B 438 -22.43 42.03 -30.47
N LYS B 439 -23.22 41.72 -31.49
CA LYS B 439 -22.80 41.94 -32.88
C LYS B 439 -22.40 43.40 -33.19
N GLU B 440 -22.77 44.34 -32.34
CA GLU B 440 -22.42 45.75 -32.56
C GLU B 440 -20.99 46.08 -32.15
N LYS B 441 -20.43 45.24 -31.28
CA LYS B 441 -19.10 45.45 -30.70
C LYS B 441 -18.01 44.69 -31.46
N THR B 442 -18.39 43.59 -32.11
CA THR B 442 -17.43 42.85 -32.92
C THR B 442 -18.09 42.08 -34.09
N ASN B 443 -17.39 41.98 -35.21
CA ASN B 443 -17.82 41.09 -36.32
C ASN B 443 -17.33 39.66 -36.23
N HIS B 444 -16.52 39.33 -35.19
CA HIS B 444 -15.98 37.97 -35.04
C HIS B 444 -16.85 37.15 -34.13
N ILE B 445 -18.02 36.77 -34.66
CA ILE B 445 -18.94 35.89 -33.95
C ILE B 445 -19.14 34.69 -34.86
N GLN B 446 -19.56 33.58 -34.28
CA GLN B 446 -19.62 32.30 -34.99
C GLN B 446 -20.58 31.54 -34.04
N ALA B 447 -21.27 30.52 -34.50
CA ALA B 447 -22.21 29.78 -33.62
C ALA B 447 -22.19 28.30 -33.81
N LEU B 448 -22.64 27.61 -32.79
CA LEU B 448 -22.62 26.17 -32.77
C LEU B 448 -23.96 25.74 -32.34
N ALA B 449 -24.78 25.32 -33.29
CA ALA B 449 -26.21 25.11 -33.01
C ALA B 449 -26.57 23.70 -33.35
N HIS B 450 -27.14 23.03 -32.37
CA HIS B 450 -27.59 21.68 -32.53
C HIS B 450 -29.08 21.71 -32.87
N SER B 451 -29.50 20.82 -33.77
CA SER B 451 -30.93 20.64 -34.11
C SER B 451 -31.27 19.18 -34.31
N THR B 452 -32.53 18.80 -34.11
CA THR B 452 -33.01 17.59 -34.75
C THR B 452 -33.33 17.96 -36.22
N VAL B 453 -32.95 17.12 -37.17
CA VAL B 453 -33.34 17.33 -38.56
C VAL B 453 -34.87 17.41 -38.58
N GLY B 454 -35.36 18.46 -39.19
CA GLY B 454 -36.70 18.92 -38.91
C GLY B 454 -36.53 20.38 -38.63
N GLN B 455 -36.23 20.71 -37.37
CA GLN B 455 -36.32 22.10 -36.85
C GLN B 455 -35.65 23.11 -37.78
N THR B 456 -36.12 24.35 -37.78
CA THR B 456 -35.52 25.36 -38.67
C THR B 456 -35.06 26.57 -37.88
N LEU B 457 -34.06 27.24 -38.44
CA LEU B 457 -33.35 28.30 -37.75
C LEU B 457 -33.91 29.69 -38.08
N PRO B 458 -34.64 30.32 -37.12
CA PRO B 458 -35.16 31.67 -37.33
C PRO B 458 -34.24 32.55 -38.16
N ILE B 459 -34.81 33.21 -39.17
CA ILE B 459 -34.06 34.09 -40.08
C ILE B 459 -33.39 35.31 -39.44
N PRO B 460 -33.95 35.84 -38.33
CA PRO B 460 -33.09 36.79 -37.60
C PRO B 460 -31.72 36.15 -37.25
N LEU B 461 -31.77 35.06 -36.48
CA LEU B 461 -30.56 34.29 -36.17
C LEU B 461 -29.81 33.97 -37.44
N LYS B 462 -30.45 33.21 -38.33
CA LYS B 462 -29.81 32.81 -39.56
C LYS B 462 -29.08 34.00 -40.22
N LYS B 463 -29.72 35.19 -40.19
CA LYS B 463 -29.13 36.44 -40.76
C LYS B 463 -27.82 36.82 -40.10
N LEU B 464 -27.76 36.65 -38.78
CA LEU B 464 -26.57 36.99 -37.99
C LEU B 464 -25.39 36.00 -38.18
N PHE B 465 -25.68 34.71 -38.36
CA PHE B 465 -24.61 33.78 -38.69
C PHE B 465 -24.78 33.27 -40.14
N PRO B 466 -23.97 33.81 -41.08
CA PRO B 466 -23.86 33.23 -42.42
C PRO B 466 -23.39 31.74 -42.41
N SER B 467 -22.12 31.49 -42.04
CA SER B 467 -21.57 30.11 -41.94
C SER B 467 -21.69 29.51 -40.54
N ILE B 468 -22.91 29.54 -40.00
CA ILE B 468 -23.19 28.90 -38.74
C ILE B 468 -22.76 27.42 -38.80
N ILE B 469 -22.13 26.96 -37.73
CA ILE B 469 -21.73 25.58 -37.60
C ILE B 469 -22.90 24.83 -37.06
N SER B 470 -23.74 24.36 -37.96
CA SER B 470 -24.95 23.73 -37.51
C SER B 470 -24.63 22.26 -37.48
N ILE B 471 -24.91 21.66 -36.33
CA ILE B 471 -24.82 20.24 -36.15
C ILE B 471 -26.23 19.77 -36.09
N THR B 472 -26.60 19.00 -37.09
CA THR B 472 -27.98 18.61 -37.23
C THR B 472 -28.08 17.08 -36.99
N TRP B 473 -28.86 16.67 -36.00
CA TRP B 473 -28.92 15.28 -35.55
C TRP B 473 -30.13 14.53 -36.09
N PRO B 474 -29.92 13.36 -36.71
CA PRO B 474 -31.08 12.59 -37.16
C PRO B 474 -32.03 12.19 -36.03
N LEU B 475 -33.26 11.80 -36.35
CA LEU B 475 -34.24 11.31 -35.37
C LEU B 475 -33.82 9.92 -34.84
N LEU B 476 -34.16 9.64 -33.59
CA LEU B 476 -33.71 8.45 -32.89
C LEU B 476 -34.76 8.10 -31.88
N PHE B 477 -35.16 6.83 -31.80
CA PHE B 477 -36.04 6.47 -30.72
C PHE B 477 -35.34 6.96 -29.44
N PHE B 478 -36.11 7.54 -28.52
CA PHE B 478 -35.65 7.74 -27.14
C PHE B 478 -36.71 7.28 -26.12
N GLU B 479 -36.22 6.75 -25.01
CA GLU B 479 -37.04 6.10 -24.01
C GLU B 479 -37.72 7.10 -23.07
N TYR B 480 -36.95 8.00 -22.47
CA TYR B 480 -37.44 8.87 -21.41
C TYR B 480 -37.71 10.30 -21.92
N GLU B 481 -38.63 11.06 -21.29
CA GLU B 481 -39.01 12.42 -21.77
C GLU B 481 -37.78 13.35 -21.91
N GLY B 482 -36.86 13.28 -20.94
CA GLY B 482 -35.65 14.11 -21.03
C GLY B 482 -34.74 13.89 -22.24
N ASN B 483 -34.97 12.85 -23.04
CA ASN B 483 -34.16 12.60 -24.24
C ASN B 483 -32.65 12.66 -23.89
N PHE B 484 -32.27 11.74 -23.02
CA PHE B 484 -30.98 11.74 -22.40
C PHE B 484 -29.91 11.42 -23.42
N ILE B 485 -30.23 10.47 -24.28
CA ILE B 485 -29.36 10.14 -25.38
C ILE B 485 -29.13 11.30 -26.32
N GLN B 486 -30.09 12.20 -26.46
CA GLN B 486 -29.83 13.41 -27.25
C GLN B 486 -28.90 14.36 -26.47
N LYS B 487 -29.09 14.40 -25.18
CA LYS B 487 -28.33 15.30 -24.35
C LYS B 487 -26.86 14.89 -24.44
N PHE B 488 -26.60 13.62 -24.19
CA PHE B 488 -25.22 13.07 -24.22
C PHE B 488 -24.55 13.34 -25.55
N GLN B 489 -25.23 13.05 -26.64
CA GLN B 489 -24.68 13.39 -27.95
C GLN B 489 -24.23 14.79 -28.08
N ARG B 490 -25.04 15.71 -27.59
CA ARG B 490 -24.80 17.15 -27.81
C ARG B 490 -23.70 17.65 -26.92
N GLU B 491 -23.71 17.18 -25.68
CA GLU B 491 -22.60 17.48 -24.77
C GLU B 491 -21.30 16.99 -25.39
N LEU B 492 -21.30 15.72 -25.81
CA LEU B 492 -20.08 15.14 -26.37
C LEU B 492 -19.60 15.88 -27.60
N SER B 493 -20.52 16.15 -28.53
CA SER B 493 -20.19 16.93 -29.71
C SER B 493 -19.64 18.31 -29.35
N THR B 494 -20.27 18.92 -28.35
CA THR B 494 -19.85 20.27 -27.96
C THR B 494 -18.43 20.22 -27.38
N LYS B 495 -18.19 19.27 -26.48
CA LYS B 495 -16.86 19.06 -25.93
C LYS B 495 -15.83 18.90 -27.00
N TRP B 496 -16.10 18.08 -28.04
CA TRP B 496 -15.07 17.86 -29.09
C TRP B 496 -14.76 19.15 -29.78
N VAL B 497 -15.77 19.98 -29.99
CA VAL B 497 -15.54 21.15 -30.83
C VAL B 497 -14.67 22.16 -30.10
N LEU B 498 -15.14 22.53 -28.93
CA LEU B 498 -14.45 23.41 -28.02
C LEU B 498 -13.02 22.96 -27.67
N ASN B 499 -12.85 21.73 -27.18
CA ASN B 499 -11.49 21.16 -26.97
C ASN B 499 -10.59 21.40 -28.19
N THR B 500 -11.09 21.06 -29.38
CA THR B 500 -10.28 21.15 -30.59
C THR B 500 -9.92 22.58 -30.85
N VAL B 501 -10.89 23.44 -30.63
CA VAL B 501 -10.68 24.86 -30.89
C VAL B 501 -9.78 25.54 -29.87
N SER B 502 -10.03 25.32 -28.61
CA SER B 502 -9.16 25.91 -27.59
C SER B 502 -7.75 25.34 -27.79
N THR B 503 -7.68 24.04 -27.93
CA THR B 503 -6.41 23.40 -28.02
C THR B 503 -5.71 23.93 -29.26
N GLY B 504 -6.36 23.90 -30.43
CA GLY B 504 -5.64 24.27 -31.67
C GLY B 504 -5.33 25.75 -31.74
N ALA B 505 -6.17 26.57 -31.12
CA ALA B 505 -5.92 28.00 -31.18
C ALA B 505 -4.54 28.29 -30.52
N HIS B 506 -4.25 27.60 -29.41
CA HIS B 506 -2.97 27.82 -28.72
C HIS B 506 -1.81 27.17 -29.45
N VAL B 507 -2.06 26.08 -30.17
CA VAL B 507 -1.04 25.52 -31.00
C VAL B 507 -0.62 26.52 -32.01
N LEU B 508 -1.58 27.16 -32.66
CA LEU B 508 -1.28 28.02 -33.82
C LEU B 508 -0.48 29.20 -33.33
N LEU B 509 -0.72 29.60 -32.08
CA LEU B 509 0.09 30.64 -31.47
C LEU B 509 1.54 30.26 -31.22
N GLY B 510 1.94 29.01 -31.48
CA GLY B 510 3.31 28.55 -31.16
C GLY B 510 3.54 28.17 -29.68
N LYS B 511 2.47 28.01 -28.90
CA LYS B 511 2.56 27.62 -27.49
C LYS B 511 3.04 26.15 -27.25
N ILE B 512 3.01 25.32 -28.29
CA ILE B 512 3.24 23.88 -28.18
C ILE B 512 4.52 23.52 -28.91
N LEU B 513 5.27 22.59 -28.32
CA LEU B 513 6.54 22.19 -28.83
C LEU B 513 6.42 20.75 -29.33
N GLN B 514 6.36 20.61 -30.66
CA GLN B 514 5.98 19.35 -31.33
C GLN B 514 4.53 18.96 -30.91
N ASN B 515 4.37 18.03 -29.96
CA ASN B 515 3.07 17.81 -29.34
C ASN B 515 3.16 17.78 -27.84
N HIS B 516 4.03 18.61 -27.28
CA HIS B 516 4.09 18.76 -25.84
C HIS B 516 3.86 20.21 -25.45
N MET B 517 3.30 20.40 -24.28
CA MET B 517 3.29 21.67 -23.62
C MET B 517 4.45 21.69 -22.60
N LEU B 518 5.55 22.29 -23.01
CA LEU B 518 6.74 22.34 -22.24
C LEU B 518 6.57 23.25 -21.04
N ASP B 519 6.04 24.41 -21.30
CA ASP B 519 6.02 25.44 -20.32
C ASP B 519 4.83 25.31 -19.41
N LEU B 520 4.68 24.18 -18.73
CA LEU B 520 3.55 24.07 -17.82
C LEU B 520 3.87 24.49 -16.38
N ARG B 521 2.84 24.78 -15.61
CA ARG B 521 2.97 25.14 -14.23
C ARG B 521 2.96 23.84 -13.42
N ILE B 522 4.02 23.59 -12.65
CA ILE B 522 4.08 22.36 -11.87
C ILE B 522 3.20 22.54 -10.66
N SER B 523 1.98 22.02 -10.75
CA SER B 523 0.99 22.21 -9.66
C SER B 523 0.54 20.94 -8.96
N ASN B 524 1.04 19.79 -9.39
CA ASN B 524 0.85 18.58 -8.61
C ASN B 524 1.96 17.57 -8.98
N SER B 525 1.92 16.42 -8.36
CA SER B 525 3.04 15.50 -8.52
C SER B 525 3.18 14.98 -9.95
N LYS B 526 2.04 14.71 -10.57
CA LYS B 526 2.01 14.23 -11.95
C LYS B 526 2.64 15.22 -12.91
N LEU B 527 2.34 16.51 -12.72
CA LEU B 527 2.93 17.54 -13.57
C LEU B 527 4.43 17.65 -13.28
N PHE B 528 4.84 17.40 -12.05
CA PHE B 528 6.24 17.29 -11.74
C PHE B 528 6.91 16.13 -12.50
N TRP B 529 6.28 14.97 -12.49
CA TRP B 529 6.89 13.87 -13.24
C TRP B 529 6.90 14.13 -14.76
N ARG B 530 5.95 14.94 -15.27
CA ARG B 530 5.90 15.22 -16.69
C ARG B 530 6.96 16.29 -17.00
N ALA B 531 7.13 17.25 -16.10
CA ALA B 531 8.24 18.17 -16.25
C ALA B 531 9.55 17.40 -16.44
N LEU B 532 9.83 16.44 -15.58
CA LEU B 532 11.09 15.74 -15.62
C LEU B 532 11.19 14.89 -16.87
N ALA B 533 10.14 14.14 -17.16
CA ALA B 533 10.14 13.38 -18.40
C ALA B 533 10.49 14.22 -19.65
N MET B 534 9.96 15.43 -19.70
CA MET B 534 10.15 16.31 -20.84
C MET B 534 11.59 16.82 -20.92
N LEU B 535 12.17 17.13 -19.79
CA LEU B 535 13.55 17.48 -19.74
C LEU B 535 14.39 16.33 -20.27
N GLN B 536 14.15 15.12 -19.80
CA GLN B 536 14.84 13.99 -20.39
C GLN B 536 14.69 13.90 -21.91
N ARG B 537 13.49 14.07 -22.45
CA ARG B 537 13.29 13.88 -23.88
C ARG B 537 13.90 14.99 -24.77
N PHE B 538 13.91 16.21 -24.27
CA PHE B 538 14.35 17.30 -25.13
C PHE B 538 15.81 17.55 -24.94
N SER B 539 16.35 17.23 -23.75
CA SER B 539 17.79 17.38 -23.46
C SER B 539 18.55 16.16 -23.92
N GLY B 540 17.94 14.99 -23.72
CA GLY B 540 18.57 13.72 -24.07
C GLY B 540 19.64 13.38 -23.08
N GLN B 541 19.68 14.16 -22.01
CA GLN B 541 20.67 14.06 -20.98
C GLN B 541 20.11 13.23 -19.84
N SER B 542 20.96 12.98 -18.87
CA SER B 542 20.72 11.95 -17.92
C SER B 542 19.63 12.33 -16.92
N LYS B 543 19.06 11.29 -16.35
CA LYS B 543 18.17 11.34 -15.25
C LYS B 543 18.65 12.29 -14.22
N ALA B 544 19.90 12.09 -13.83
CA ALA B 544 20.45 12.79 -12.69
C ALA B 544 20.67 14.27 -13.01
N ARG B 545 21.17 14.58 -14.20
CA ARG B 545 21.32 15.99 -14.56
C ARG B 545 19.94 16.65 -14.75
N CYS B 546 18.97 15.93 -15.30
CA CYS B 546 17.64 16.48 -15.46
C CYS B 546 17.00 16.77 -14.10
N ILE B 547 17.15 15.87 -13.14
CA ILE B 547 16.57 16.11 -11.83
C ILE B 547 17.22 17.35 -11.28
N GLU B 548 18.55 17.38 -11.19
CA GLU B 548 19.26 18.55 -10.64
C GLU B 548 18.94 19.85 -11.34
N SER B 549 18.85 19.85 -12.66
CA SER B 549 18.45 21.09 -13.25
C SER B 549 17.01 21.53 -12.83
N LEU B 550 16.08 20.59 -12.70
CA LEU B 550 14.69 20.91 -12.36
C LEU B 550 14.60 21.48 -11.01
N LEU B 551 15.26 20.84 -10.07
CA LEU B 551 15.15 21.28 -8.69
C LEU B 551 15.86 22.58 -8.45
N ARG B 552 16.93 22.82 -9.22
CA ARG B 552 17.63 24.08 -9.10
C ARG B 552 16.73 25.18 -9.63
N ALA B 553 16.11 24.94 -10.80
CA ALA B 553 15.18 25.87 -11.39
C ALA B 553 14.07 26.18 -10.45
N ILE B 554 13.54 25.18 -9.77
CA ILE B 554 12.47 25.43 -8.87
C ILE B 554 12.90 26.27 -7.68
N HIS B 555 13.87 25.78 -6.93
CA HIS B 555 14.21 26.40 -5.67
C HIS B 555 15.12 27.60 -5.68
N PHE B 556 15.64 27.97 -6.86
CA PHE B 556 16.40 29.22 -7.01
C PHE B 556 15.61 30.35 -6.39
N PRO B 557 16.28 31.27 -5.67
CA PRO B 557 17.71 31.41 -5.37
C PRO B 557 18.31 30.49 -4.31
N GLN B 558 17.54 29.55 -3.76
CA GLN B 558 18.10 28.58 -2.83
C GLN B 558 18.97 27.57 -3.56
N PRO B 559 20.16 27.26 -2.99
CA PRO B 559 20.99 26.20 -3.55
C PRO B 559 20.41 24.85 -3.18
N LEU B 560 20.73 23.84 -3.96
CA LEU B 560 20.43 22.46 -3.59
C LEU B 560 21.10 22.06 -2.29
N SER B 561 20.32 21.56 -1.37
CA SER B 561 20.79 20.97 -0.16
C SER B 561 20.35 19.51 -0.13
N ASP B 562 20.87 18.76 0.82
CA ASP B 562 20.43 17.39 1.00
C ASP B 562 18.95 17.33 1.30
N ASP B 563 18.47 18.23 2.13
CA ASP B 563 17.08 18.22 2.52
C ASP B 563 16.19 18.48 1.32
N ILE B 564 16.60 19.39 0.45
CA ILE B 564 15.83 19.67 -0.73
C ILE B 564 15.84 18.40 -1.60
N ARG B 565 17.01 17.80 -1.82
CA ARG B 565 17.05 16.61 -2.69
C ARG B 565 16.22 15.48 -2.13
N ALA B 566 16.07 15.41 -0.81
CA ALA B 566 15.38 14.29 -0.19
C ALA B 566 13.91 14.61 0.13
N ALA B 567 13.44 15.74 -0.34
CA ALA B 567 12.20 16.28 0.20
C ALA B 567 11.09 15.60 -0.56
N PRO B 568 9.90 15.56 0.03
CA PRO B 568 8.82 14.96 -0.75
C PRO B 568 8.49 15.84 -1.95
N ILE B 569 7.95 15.23 -3.00
CA ILE B 569 7.53 16.01 -4.17
C ILE B 569 6.60 17.17 -3.83
N SER B 570 5.71 17.02 -2.85
CA SER B 570 4.88 18.19 -2.52
C SER B 570 5.66 19.47 -2.20
N CYS B 571 6.86 19.34 -1.63
CA CYS B 571 7.73 20.50 -1.36
C CYS B 571 8.13 21.17 -2.70
N HIS B 572 8.47 20.40 -3.71
CA HIS B 572 8.87 21.01 -4.97
C HIS B 572 7.66 21.62 -5.65
N VAL B 573 6.54 20.95 -5.48
CA VAL B 573 5.33 21.40 -6.12
C VAL B 573 4.91 22.74 -5.54
N GLN B 574 4.83 22.81 -4.21
CA GLN B 574 4.45 24.07 -3.52
C GLN B 574 5.35 25.21 -4.01
N VAL B 575 6.65 24.98 -4.15
CA VAL B 575 7.49 26.08 -4.59
C VAL B 575 7.31 26.42 -6.09
N ALA B 576 7.26 25.41 -6.96
CA ALA B 576 7.18 25.62 -8.41
C ALA B 576 5.89 26.23 -8.91
N HIS B 577 4.83 25.94 -8.19
CA HIS B 577 3.50 26.42 -8.50
C HIS B 577 3.45 27.93 -8.57
N GLU B 578 4.26 28.57 -7.74
CA GLU B 578 4.30 30.02 -7.68
C GLU B 578 5.21 30.65 -8.72
N LYS B 579 5.84 29.90 -9.59
CA LYS B 579 6.84 30.53 -10.43
C LYS B 579 6.47 30.46 -11.89
N GLU B 580 7.21 31.25 -12.66
CA GLU B 580 7.07 31.31 -14.11
C GLU B 580 8.26 30.66 -14.85
N GLN B 581 7.95 29.92 -15.92
CA GLN B 581 8.92 29.39 -16.83
C GLN B 581 9.93 28.44 -16.19
N VAL B 582 9.52 27.71 -15.16
CA VAL B 582 10.46 26.86 -14.48
C VAL B 582 11.09 25.84 -15.46
N ILE B 583 10.27 25.25 -16.33
CA ILE B 583 10.74 24.17 -17.11
C ILE B 583 11.60 24.68 -18.24
N PRO B 584 11.21 25.78 -18.85
CA PRO B 584 12.12 26.29 -19.88
C PRO B 584 13.50 26.72 -19.31
N ILE B 585 13.53 27.34 -18.17
CA ILE B 585 14.78 27.62 -17.52
C ILE B 585 15.59 26.36 -17.25
N ALA B 586 14.95 25.36 -16.67
CA ALA B 586 15.64 24.10 -16.40
C ALA B 586 16.17 23.45 -17.69
N LEU B 587 15.48 23.66 -18.81
CA LEU B 587 15.93 23.06 -20.07
C LEU B 587 17.10 23.88 -20.67
N LEU B 588 17.08 25.20 -20.50
CA LEU B 588 18.16 26.00 -21.05
C LEU B 588 19.42 25.71 -20.26
N SER B 589 19.31 25.69 -18.94
CA SER B 589 20.44 25.24 -18.11
C SER B 589 21.09 23.93 -18.63
N LEU B 590 20.25 22.98 -19.03
CA LEU B 590 20.71 21.69 -19.47
C LEU B 590 21.33 21.77 -20.83
N LEU B 591 20.68 22.47 -21.73
CA LEU B 591 21.15 22.55 -23.11
C LEU B 591 22.45 23.35 -23.21
N PHE B 592 22.52 24.48 -22.53
CA PHE B 592 23.74 25.26 -22.48
C PHE B 592 24.80 24.79 -21.46
N ARG B 593 24.56 23.72 -20.71
CA ARG B 593 25.49 23.36 -19.64
C ARG B 593 25.83 24.52 -18.73
N CYS B 594 24.84 25.34 -18.39
CA CYS B 594 25.09 26.57 -17.64
C CYS B 594 24.32 26.64 -16.32
N SER B 595 24.48 27.72 -15.57
CA SER B 595 23.83 27.85 -14.27
C SER B 595 22.46 28.41 -14.46
N ILE B 596 21.62 28.27 -13.45
CA ILE B 596 20.32 28.90 -13.49
C ILE B 596 20.50 30.39 -13.74
N THR B 597 21.46 30.99 -13.06
CA THR B 597 21.70 32.43 -13.15
C THR B 597 21.95 32.81 -14.60
N GLU B 598 22.67 31.95 -15.31
CA GLU B 598 22.99 32.18 -16.73
C GLU B 598 21.77 31.87 -17.62
N ALA B 599 20.94 30.91 -17.21
CA ALA B 599 19.79 30.48 -18.00
C ALA B 599 18.68 31.53 -17.89
N GLN B 600 18.48 32.09 -16.71
CA GLN B 600 17.55 33.20 -16.54
C GLN B 600 17.90 34.40 -17.41
N ALA B 601 19.18 34.79 -17.40
CA ALA B 601 19.58 36.00 -18.13
C ALA B 601 19.40 35.78 -19.60
N HIS B 602 19.70 34.56 -20.04
CA HIS B 602 19.54 34.23 -21.42
C HIS B 602 18.08 34.36 -21.83
N LEU B 603 17.19 33.73 -21.06
CA LEU B 603 15.76 33.78 -21.34
C LEU B 603 15.30 35.20 -21.44
N ALA B 604 15.53 35.97 -20.38
CA ALA B 604 15.06 37.36 -20.25
C ALA B 604 15.52 38.29 -21.36
N ALA B 605 16.58 37.93 -22.08
CA ALA B 605 17.09 38.72 -23.20
C ALA B 605 16.56 38.28 -24.58
N ALA B 606 16.00 37.08 -24.68
CA ALA B 606 15.47 36.58 -25.95
C ALA B 606 14.11 37.24 -26.24
N PRO B 607 13.65 37.20 -27.50
CA PRO B 607 12.34 37.81 -27.81
C PRO B 607 11.17 37.18 -27.05
N SER B 608 11.05 35.85 -27.17
CA SER B 608 9.99 35.11 -26.49
C SER B 608 10.58 33.87 -25.84
N VAL B 609 9.87 33.39 -24.82
CA VAL B 609 10.12 32.09 -24.27
C VAL B 609 10.15 30.97 -25.33
N CYS B 610 9.30 31.01 -26.35
CA CYS B 610 9.26 29.92 -27.35
C CYS B 610 10.45 30.00 -28.27
N GLU B 611 10.82 31.20 -28.67
CA GLU B 611 11.94 31.34 -29.56
C GLU B 611 13.28 31.03 -28.88
N ALA B 612 13.43 31.42 -27.60
CA ALA B 612 14.63 31.04 -26.85
C ALA B 612 14.74 29.53 -26.88
N VAL B 613 13.70 28.85 -26.39
CA VAL B 613 13.71 27.37 -26.31
C VAL B 613 14.00 26.70 -27.65
N ARG B 614 13.28 27.12 -28.69
CA ARG B 614 13.44 26.62 -30.06
C ARG B 614 14.83 26.82 -30.71
N SER B 615 15.47 27.95 -30.43
CA SER B 615 16.81 28.19 -30.97
C SER B 615 17.88 27.45 -30.18
N ALA B 616 17.61 27.24 -28.91
CA ALA B 616 18.52 26.42 -28.12
C ALA B 616 18.45 24.97 -28.60
N LEU B 617 17.28 24.51 -29.01
CA LEU B 617 17.20 23.14 -29.46
C LEU B 617 17.97 22.89 -30.75
N ALA B 618 18.11 23.91 -31.60
CA ALA B 618 18.59 23.73 -33.00
C ALA B 618 20.11 23.69 -33.12
C16 2UW C . 10.06 -12.95 6.00
C15 2UW C . 10.54 -11.84 6.63
C14 2UW C . 11.09 -10.83 5.88
N3 2UW C . 11.53 -9.76 6.52
N2 2UW C . 11.17 -10.93 4.52
C13 2UW C . 10.74 -12.03 3.90
C12 2UW C . 10.14 -13.06 4.62
S2 2UW C . 9.60 -14.52 3.84
O2 2UW C . 8.38 -14.98 4.46
O3 2UW C . 9.53 -14.07 2.46
C1 2UW C . 10.75 -15.71 4.10
S1 2UW C . 12.29 -15.73 3.38
C2 2UW C . 10.57 -16.74 4.94
C4 2UW C . 11.66 -17.53 5.00
C3 2UW C . 12.70 -17.17 4.20
C5 2UW C . 13.93 -17.80 4.06
C9 2UW C . 14.92 -17.40 3.14
C8 2UW C . 16.14 -18.07 3.10
CL1 2UW C . 14.67 -16.05 2.01
N1 2UW C . 14.20 -18.83 4.91
C6 2UW C . 15.37 -19.49 4.87
C7 2UW C . 16.36 -19.14 3.96
C10 2UW C . 17.70 -19.85 3.92
C17 2UW C . 17.60 -21.34 3.96
F2 2UW C . 17.20 -21.61 5.19
F3 2UW C . 16.76 -21.81 3.08
F1 2UW C . 18.82 -21.75 3.69
C11 2UW C . 18.52 -19.49 5.19
O1 2UW C . 18.35 -19.55 2.73
C1 S6P D . 8.79 -18.26 15.55
C2 S6P D . 7.45 -18.48 16.26
C3 S6P D . 6.38 -17.75 15.50
C4 S6P D . 6.62 -16.24 15.41
C5 S6P D . 5.43 -15.53 14.78
C6 S6P D . 5.64 -14.02 14.60
O1 S6P D . 9.74 -18.97 16.29
O2 S6P D . 7.14 -19.89 16.28
O3 S6P D . 5.21 -17.99 16.21
O4 S6P D . 6.91 -15.64 16.70
O5 S6P D . 5.25 -16.10 13.48
O6 S6P D . 6.90 -13.71 14.00
P S6P D . 7.27 -12.22 13.85
O1P S6P D . 8.45 -12.15 12.97
O2P S6P D . 7.59 -11.71 15.38
O3P S6P D . 6.02 -11.34 13.31
I IOD E . 12.13 -1.46 39.77
I IOD F . 14.34 -34.07 8.04
I IOD G . 24.00 -9.43 11.79
I IOD H . 24.42 -35.79 24.32
I IOD I . 19.14 -1.57 36.76
I IOD J . -4.20 -21.77 13.29
I IOD K . -0.29 -14.88 -10.90
I IOD L . 22.07 -17.17 4.61
I IOD M . 8.00 -15.56 -10.64
I IOD N . -6.88 2.43 7.57
I IOD O . 18.05 -27.29 -11.92
I IOD P . 27.49 3.49 17.24
I IOD Q . -3.84 -22.51 8.59
C16 2UW R . 1.22 9.08 -14.48
C15 2UW R . 0.33 8.08 -14.80
C14 2UW R . 0.80 6.78 -14.87
N3 2UW R . -0.03 5.83 -15.20
N2 2UW R . 2.10 6.47 -14.65
C13 2UW R . 2.95 7.45 -14.36
C12 2UW R . 2.54 8.77 -14.24
S2 2UW R . 3.72 10.02 -13.86
O2 2UW R . 3.05 11.05 -13.07
O3 2UW R . 4.82 9.35 -13.13
C1 2UW R . 4.17 10.66 -15.31
S1 2UW R . 5.22 9.98 -16.33
C2 2UW R . 3.69 11.78 -15.84
C4 2UW R . 4.18 12.07 -17.07
C3 2UW R . 5.07 11.19 -17.59
C5 2UW R . 5.71 11.25 -18.86
C9 2UW R . 6.54 10.24 -19.37
C8 2UW R . 7.11 10.35 -20.61
CL1 2UW R . 7.01 8.82 -18.48
N1 2UW R . 5.45 12.30 -19.70
C6 2UW R . 5.99 12.41 -20.91
C7 2UW R . 6.85 11.43 -21.40
C10 2UW R . 7.48 11.41 -22.78
C17 2UW R . 7.34 12.65 -23.50
F2 2UW R . 5.98 12.36 -23.93
F3 2UW R . 7.74 13.60 -22.67
F1 2UW R . 8.29 12.77 -24.43
C11 2UW R . 6.66 10.54 -23.74
O1 2UW R . 8.80 11.04 -22.80
C1 S6P S . -5.80 16.97 -17.88
C2 S6P S . -6.48 17.95 -16.88
C3 S6P S . -6.21 17.52 -15.47
C4 S6P S . -6.73 16.11 -15.21
C5 S6P S . -6.61 15.71 -13.75
C6 S6P S . -7.12 14.30 -13.50
O1 S6P S . -5.90 17.57 -19.19
O2 S6P S . -5.99 19.28 -17.08
O3 S6P S . -6.91 18.40 -14.63
O4 S6P S . -8.08 16.03 -15.59
O5 S6P S . -5.23 15.69 -13.42
O6 S6P S . -6.37 13.33 -14.20
P S6P S . -6.78 11.78 -14.15
O1P S6P S . -5.75 11.03 -14.88
O2P S6P S . -6.87 11.32 -12.71
O3P S6P S . -8.27 11.74 -14.85
I IOD T . -33.20 8.25 -23.43
I IOD U . 8.27 26.57 -25.14
I IOD V . -2.75 2.35 -27.98
I IOD W . -29.15 4.50 -28.85
I IOD X . -3.66 28.84 -39.98
I IOD Y . -4.54 24.22 -6.37
I IOD Z . 24.44 13.50 -20.12
I IOD AA . 15.27 9.69 -0.21
I IOD BA . 6.34 7.96 -26.23
I IOD CA . 17.63 7.91 -8.26
I IOD DA . -28.89 25.66 -37.59
I IOD EA . -9.01 2.52 4.58
I IOD FA . 21.95 9.76 -21.21
I IOD GA . -39.72 9.57 -18.37
I IOD HA . 11.85 20.45 -31.76
C1 GOL IA . 2.89 29.17 -17.87
O1 GOL IA . 1.99 28.05 -18.15
C2 GOL IA . 3.95 28.69 -16.87
O2 GOL IA . 5.28 29.09 -17.24
C3 GOL IA . 3.62 29.20 -15.47
O3 GOL IA . 4.40 28.59 -14.41
S SO4 JA . 1.77 27.82 -38.71
O1 SO4 JA . 1.68 29.31 -38.76
O2 SO4 JA . 0.68 27.27 -39.57
O3 SO4 JA . 1.66 27.31 -37.31
O4 SO4 JA . 3.10 27.46 -39.25
S SO4 KA . -28.34 23.69 -16.54
O1 SO4 KA . -27.92 23.78 -17.93
O2 SO4 KA . -28.38 25.04 -15.97
O3 SO4 KA . -27.35 22.86 -15.82
O4 SO4 KA . -29.66 23.01 -16.45
#